data_6ZFO
#
_entry.id   6ZFO
#
_cell.length_a   1.00
_cell.length_b   1.00
_cell.length_c   1.00
_cell.angle_alpha   90.00
_cell.angle_beta   90.00
_cell.angle_gamma   90.00
#
_symmetry.space_group_name_H-M   'P 1'
#
loop_
_entity.id
_entity.type
_entity.pdbx_description
1 polymer 'Spike protein S1'
2 polymer 'EY6A heavy chain'
3 polymer 'EY6A light chain'
4 non-polymer 2-acetamido-2-deoxy-beta-D-glucopyranose
#
loop_
_entity_poly.entity_id
_entity_poly.type
_entity_poly.pdbx_seq_one_letter_code
_entity_poly.pdbx_strand_id
1 'polypeptide(L)'
;TNLCPFGEVFNATRFASVYAWNRKRISNCVADYSVLYNSASFSTFKCYGVSPTKLNDLCFTNVYADSFVIRGDEVRQIAP
GQTGKIADYNYKLPDDFTGCVIAWNSNNLDSKVGGNYNYLYRLFRKSNLKPFERDISTEIYQAGSTPCNGVEGFNCYFPL
QSYGFQPTNGVGYQPYRVVVLSFELLHAPATVCG
;
E,A
2 'polypeptide(L)'
;EVQLVESGGGVVQPGRSLRLSCAASAFTFSSYDMHWVRQAPGKGLEWVAVISYDGSNKYYADSVKGRFTISRDNSKNTLY
LQMNSLRAEDTAVYYCAKDGGKLWVYYFDYWGQGTLVTVSSASTKGPSVFPLAPSSKSTSGGTAALGCLVKDYFPEPVTV
SWNSGALTSGVHTFPAVLQSSGLYSLSSVVTVPSSSLGTQTYICNVNHKPSNTKVDKRVEPKSCDK
;
H,B
3 'polypeptide(L)'
;DIQMTQSPSSLSASVGDRVTITCRASQSISSYLNWYQQKPGKAPKLLIYAASSLQSGVPSRFSGSGSGTDFTLTISSLQP
EDFATYYCQQSYSTLALTFGGGTKVEIKRTVAAPSVFIFPPSDEQLKSGTASVVCLLNNFYPREAKVQWKVDNALQSGNS
QESVTEQDSKDSTYSLSSTLTLSKADYEKHKVYACEVTHQGLSSPVTKSFNRGEC
;
L,C
#
# COMPACT_ATOMS: atom_id res chain seq x y z
N THR A 1 -8.26 -25.44 -16.70
CA THR A 1 -9.55 -24.87 -16.35
C THR A 1 -9.39 -23.61 -15.52
N ASN A 2 -8.54 -23.68 -14.50
CA ASN A 2 -8.31 -22.55 -13.60
C ASN A 2 -7.19 -21.66 -14.14
N LEU A 3 -7.41 -21.17 -15.35
CA LEU A 3 -6.47 -20.26 -15.99
C LEU A 3 -6.57 -18.87 -15.35
N CYS A 4 -5.43 -18.22 -15.20
CA CYS A 4 -5.41 -16.92 -14.55
C CYS A 4 -6.22 -15.92 -15.36
N PRO A 5 -6.98 -15.03 -14.71
CA PRO A 5 -7.89 -14.12 -15.43
C PRO A 5 -7.19 -12.89 -15.99
N PHE A 6 -6.21 -13.12 -16.86
CA PHE A 6 -5.55 -12.01 -17.55
C PHE A 6 -6.47 -11.35 -18.56
N GLY A 7 -7.47 -12.08 -19.09
CA GLY A 7 -8.32 -11.52 -20.11
C GLY A 7 -9.11 -10.31 -19.61
N GLU A 8 -9.68 -10.41 -18.42
CA GLU A 8 -10.49 -9.32 -17.89
C GLU A 8 -9.66 -8.13 -17.45
N VAL A 9 -8.33 -8.27 -17.41
CA VAL A 9 -7.46 -7.14 -17.10
C VAL A 9 -7.06 -6.39 -18.37
N PHE A 10 -6.65 -7.12 -19.40
CA PHE A 10 -6.25 -6.49 -20.66
C PHE A 10 -7.47 -6.09 -21.48
N ASN A 11 -8.43 -7.00 -21.64
CA ASN A 11 -9.64 -6.74 -22.42
C ASN A 11 -10.74 -6.10 -21.57
N ALA A 12 -10.38 -5.43 -20.49
CA ALA A 12 -11.39 -4.74 -19.68
C ALA A 12 -12.10 -3.69 -20.52
N THR A 13 -13.41 -3.61 -20.35
CA THR A 13 -14.20 -2.66 -21.14
C THR A 13 -13.76 -1.22 -20.87
N ARG A 14 -13.52 -0.89 -19.60
CA ARG A 14 -13.07 0.44 -19.23
C ARG A 14 -11.98 0.33 -18.18
N PHE A 15 -11.09 1.31 -18.16
CA PHE A 15 -9.94 1.34 -17.26
C PHE A 15 -10.08 2.50 -16.27
N ALA A 16 -9.11 2.56 -15.36
CA ALA A 16 -9.08 3.56 -14.31
C ALA A 16 -7.99 4.59 -14.56
N SER A 17 -8.03 5.65 -13.76
CA SER A 17 -7.04 6.71 -13.90
C SER A 17 -5.75 6.35 -13.19
N VAL A 18 -4.66 7.00 -13.61
CA VAL A 18 -3.34 6.65 -13.10
C VAL A 18 -3.23 6.95 -11.61
N TYR A 19 -3.77 8.08 -11.16
CA TYR A 19 -3.73 8.38 -9.74
C TYR A 19 -4.57 7.38 -8.96
N ALA A 20 -5.72 6.98 -9.50
CA ALA A 20 -6.52 5.92 -8.91
C ALA A 20 -6.25 4.60 -9.64
N TRP A 21 -5.00 4.14 -9.62
CA TRP A 21 -4.64 2.97 -10.40
C TRP A 21 -5.28 1.72 -9.82
N ASN A 22 -5.84 0.90 -10.71
CA ASN A 22 -6.51 -0.33 -10.28
C ASN A 22 -5.49 -1.43 -10.08
N ARG A 23 -5.73 -2.27 -9.07
CA ARG A 23 -4.88 -3.42 -8.78
C ARG A 23 -5.73 -4.68 -8.74
N LYS A 24 -5.26 -5.72 -9.42
CA LYS A 24 -5.87 -7.05 -9.37
C LYS A 24 -4.81 -8.03 -8.88
N ARG A 25 -5.24 -9.02 -8.11
CA ARG A 25 -4.34 -10.00 -7.52
C ARG A 25 -4.54 -11.34 -8.21
N ILE A 26 -3.43 -11.94 -8.64
CA ILE A 26 -3.43 -13.22 -9.34
C ILE A 26 -2.80 -14.24 -8.40
N SER A 27 -3.61 -15.22 -7.98
CA SER A 27 -3.18 -16.29 -7.10
C SER A 27 -4.09 -17.50 -7.32
N ASN A 28 -3.52 -18.69 -7.22
CA ASN A 28 -4.26 -19.95 -7.37
C ASN A 28 -4.84 -20.07 -8.79
N CYS A 29 -3.93 -20.11 -9.76
CA CYS A 29 -4.31 -20.23 -11.15
C CYS A 29 -3.07 -20.51 -11.99
N VAL A 30 -3.21 -21.37 -12.99
CA VAL A 30 -2.13 -21.63 -13.93
C VAL A 30 -1.95 -20.40 -14.81
N ALA A 31 -0.73 -19.88 -14.86
CA ALA A 31 -0.43 -18.64 -15.57
C ALA A 31 -0.08 -18.98 -17.02
N ASP A 32 -1.02 -18.75 -17.92
CA ASP A 32 -0.79 -18.90 -19.36
C ASP A 32 -0.38 -17.55 -19.91
N TYR A 33 0.91 -17.40 -20.21
CA TYR A 33 1.45 -16.15 -20.74
C TYR A 33 1.40 -16.09 -22.25
N SER A 34 0.75 -17.06 -22.90
CA SER A 34 0.68 -17.08 -24.36
C SER A 34 -0.10 -15.92 -24.94
N VAL A 35 -0.88 -15.20 -24.12
CA VAL A 35 -1.64 -14.07 -24.64
C VAL A 35 -0.74 -12.86 -24.91
N LEU A 36 0.36 -12.71 -24.15
CA LEU A 36 1.31 -11.66 -24.43
C LEU A 36 2.17 -11.95 -25.65
N TYR A 37 2.43 -13.23 -25.92
CA TYR A 37 3.29 -13.58 -27.05
C TYR A 37 2.54 -13.44 -28.37
N ASN A 38 1.34 -14.01 -28.45
CA ASN A 38 0.59 -13.98 -29.71
C ASN A 38 0.14 -12.56 -30.06
N SER A 39 -0.30 -11.80 -29.07
CA SER A 39 -0.81 -10.45 -29.32
C SER A 39 0.32 -9.50 -29.71
N ALA A 40 0.47 -9.28 -31.01
CA ALA A 40 1.47 -8.34 -31.51
C ALA A 40 0.98 -6.90 -31.54
N SER A 41 -0.20 -6.64 -30.96
CA SER A 41 -0.78 -5.30 -30.93
C SER A 41 -0.21 -4.42 -29.84
N PHE A 42 0.93 -4.79 -29.26
CA PHE A 42 1.52 -4.04 -28.15
C PHE A 42 2.62 -3.12 -28.65
N SER A 43 2.58 -1.87 -28.21
CA SER A 43 3.56 -0.88 -28.62
C SER A 43 4.83 -0.94 -27.77
N THR A 44 4.69 -0.90 -26.45
CA THR A 44 5.82 -0.93 -25.54
C THR A 44 5.73 -2.17 -24.65
N PHE A 45 6.84 -2.90 -24.54
CA PHE A 45 6.90 -4.16 -23.81
C PHE A 45 8.30 -4.26 -23.21
N LYS A 46 8.44 -3.87 -21.94
CA LYS A 46 9.75 -3.88 -21.29
C LYS A 46 9.65 -4.57 -19.94
N CYS A 47 10.48 -5.59 -19.73
CA CYS A 47 10.52 -6.30 -18.45
C CYS A 47 11.83 -5.98 -17.74
N TYR A 48 11.76 -5.95 -16.41
CA TYR A 48 12.90 -5.65 -15.56
C TYR A 48 13.03 -6.75 -14.51
N GLY A 49 14.27 -7.17 -14.27
CA GLY A 49 14.57 -8.18 -13.27
C GLY A 49 14.29 -9.61 -13.69
N VAL A 50 13.39 -9.82 -14.66
CA VAL A 50 13.03 -11.16 -15.10
C VAL A 50 12.91 -11.14 -16.61
N SER A 51 12.97 -12.32 -17.21
CA SER A 51 12.80 -12.43 -18.66
C SER A 51 11.46 -13.07 -18.99
N PRO A 52 10.87 -12.73 -20.15
CA PRO A 52 9.55 -13.29 -20.47
C PRO A 52 9.62 -14.73 -20.96
N THR A 53 10.66 -15.11 -21.69
CA THR A 53 10.72 -16.48 -22.20
C THR A 53 10.83 -17.48 -21.06
N LYS A 54 11.73 -17.24 -20.12
CA LYS A 54 11.87 -18.10 -18.93
C LYS A 54 10.92 -17.67 -17.83
N LEU A 55 9.65 -17.49 -18.15
CA LEU A 55 8.61 -17.11 -17.21
C LEU A 55 7.44 -18.07 -17.20
N ASN A 56 7.20 -18.79 -18.29
CA ASN A 56 6.17 -19.81 -18.33
C ASN A 56 6.59 -21.09 -17.61
N ASP A 57 7.83 -21.17 -17.15
CA ASP A 57 8.31 -22.33 -16.41
C ASP A 57 8.86 -21.88 -15.06
N LEU A 58 8.19 -20.95 -14.41
CA LEU A 58 8.64 -20.43 -13.13
C LEU A 58 7.43 -20.03 -12.30
N CYS A 59 7.39 -20.48 -11.05
CA CYS A 59 6.28 -20.24 -10.16
C CYS A 59 6.48 -18.97 -9.34
N PHE A 60 5.41 -18.50 -8.73
CA PHE A 60 5.45 -17.32 -7.87
C PHE A 60 4.39 -17.43 -6.80
N THR A 61 4.67 -16.85 -5.65
CA THR A 61 3.68 -16.82 -4.58
C THR A 61 2.46 -16.00 -4.99
N ASN A 62 2.68 -14.84 -5.59
CA ASN A 62 1.58 -13.98 -6.02
C ASN A 62 2.03 -13.11 -7.18
N VAL A 63 1.06 -12.70 -8.00
CA VAL A 63 1.28 -11.75 -9.07
C VAL A 63 0.31 -10.60 -8.90
N TYR A 64 0.74 -9.38 -9.20
CA TYR A 64 -0.10 -8.21 -9.15
C TYR A 64 -0.21 -7.60 -10.54
N ALA A 65 -1.44 -7.40 -11.00
CA ALA A 65 -1.73 -6.77 -12.28
C ALA A 65 -2.30 -5.38 -12.01
N ASP A 66 -1.46 -4.37 -12.10
CA ASP A 66 -1.88 -2.98 -11.99
C ASP A 66 -2.28 -2.48 -13.37
N SER A 67 -3.35 -1.70 -13.42
CA SER A 67 -3.85 -1.17 -14.68
C SER A 67 -4.19 0.30 -14.54
N PHE A 68 -3.82 1.07 -15.55
CA PHE A 68 -4.20 2.48 -15.62
C PHE A 68 -3.98 2.98 -17.05
N VAL A 69 -4.13 4.30 -17.24
CA VAL A 69 -4.03 4.91 -18.56
C VAL A 69 -3.27 6.23 -18.44
N ILE A 70 -2.33 6.45 -19.36
CA ILE A 70 -1.55 7.69 -19.43
C ILE A 70 -1.40 8.05 -20.91
N ARG A 71 -0.64 9.12 -21.19
CA ARG A 71 -0.33 9.46 -22.57
C ARG A 71 1.06 8.95 -22.93
N GLY A 72 1.32 8.91 -24.25
CA GLY A 72 2.53 8.27 -24.73
C GLY A 72 3.80 8.89 -24.18
N ASP A 73 3.81 10.21 -24.03
CA ASP A 73 4.99 10.89 -23.52
C ASP A 73 5.34 10.45 -22.11
N GLU A 74 4.41 9.82 -21.39
CA GLU A 74 4.63 9.41 -20.01
C GLU A 74 4.89 7.91 -19.87
N VAL A 75 4.69 7.13 -20.94
CA VAL A 75 4.90 5.69 -20.85
C VAL A 75 6.33 5.39 -20.44
N ARG A 76 7.28 6.17 -20.94
CA ARG A 76 8.68 5.98 -20.56
C ARG A 76 8.90 6.17 -19.07
N GLN A 77 8.00 6.88 -18.38
CA GLN A 77 8.13 7.07 -16.95
C GLN A 77 7.67 5.87 -16.14
N ILE A 78 7.06 4.87 -16.78
CA ILE A 78 6.64 3.65 -16.11
C ILE A 78 7.79 2.67 -16.09
N ALA A 79 8.73 2.88 -15.17
CA ALA A 79 9.93 2.04 -15.08
C ALA A 79 10.73 2.48 -13.86
N PRO A 80 11.61 1.63 -13.35
CA PRO A 80 12.41 2.02 -12.18
C PRO A 80 13.32 3.20 -12.48
N GLY A 81 13.56 4.00 -11.44
CA GLY A 81 14.49 5.11 -11.55
C GLY A 81 14.02 6.24 -12.45
N GLN A 82 12.72 6.38 -12.65
CA GLN A 82 12.16 7.43 -13.49
C GLN A 82 11.61 8.57 -12.65
N THR A 83 11.62 9.76 -13.22
CA THR A 83 11.09 10.95 -12.57
C THR A 83 10.12 11.65 -13.51
N GLY A 84 9.19 12.39 -12.91
CA GLY A 84 8.15 13.06 -13.67
C GLY A 84 6.85 13.12 -12.90
N LYS A 85 5.81 13.71 -13.51
CA LYS A 85 4.52 13.80 -12.83
C LYS A 85 3.97 12.42 -12.53
N ILE A 86 3.93 11.53 -13.53
CA ILE A 86 3.38 10.20 -13.32
C ILE A 86 4.24 9.42 -12.33
N ALA A 87 5.56 9.46 -12.51
CA ALA A 87 6.43 8.68 -11.65
C ALA A 87 6.38 9.16 -10.21
N ASP A 88 6.31 10.47 -10.00
CA ASP A 88 6.44 11.04 -8.67
C ASP A 88 5.12 11.18 -7.93
N TYR A 89 3.99 11.31 -8.63
CA TYR A 89 2.74 11.70 -8.01
C TYR A 89 1.59 10.71 -8.18
N ASN A 90 1.69 9.76 -9.10
CA ASN A 90 0.55 8.88 -9.39
C ASN A 90 0.91 7.40 -9.27
N TYR A 91 1.99 6.99 -9.90
CA TYR A 91 2.41 5.59 -9.90
C TYR A 91 3.92 5.52 -9.95
N LYS A 92 4.52 4.89 -8.95
CA LYS A 92 5.97 4.75 -8.86
C LYS A 92 6.31 3.28 -8.69
N LEU A 93 7.35 2.84 -9.40
CA LEU A 93 7.85 1.49 -9.21
C LEU A 93 9.18 1.51 -8.48
N PRO A 94 9.46 0.51 -7.65
CA PRO A 94 10.71 0.52 -6.87
C PRO A 94 11.92 0.28 -7.76
N ASP A 95 13.08 0.73 -7.25
CA ASP A 95 14.31 0.58 -8.01
C ASP A 95 14.62 -0.89 -8.28
N ASP A 96 14.27 -1.79 -7.35
CA ASP A 96 14.48 -3.22 -7.53
C ASP A 96 13.22 -3.91 -8.03
N PHE A 97 12.38 -3.21 -8.79
CA PHE A 97 11.16 -3.79 -9.31
C PHE A 97 11.46 -5.00 -10.17
N THR A 98 10.60 -6.01 -10.07
CA THR A 98 10.76 -7.27 -10.79
C THR A 98 9.45 -7.59 -11.49
N GLY A 99 9.34 -7.27 -12.77
CA GLY A 99 8.11 -7.55 -13.49
C GLY A 99 8.18 -7.08 -14.93
N CYS A 100 7.01 -6.80 -15.49
CA CYS A 100 6.89 -6.39 -16.88
C CYS A 100 5.92 -5.24 -17.03
N VAL A 101 6.25 -4.33 -17.95
CA VAL A 101 5.45 -3.16 -18.29
C VAL A 101 4.99 -3.32 -19.73
N ILE A 102 3.68 -3.21 -19.95
CA ILE A 102 3.09 -3.31 -21.28
C ILE A 102 2.20 -2.11 -21.50
N ALA A 103 2.26 -1.54 -22.70
CA ALA A 103 1.49 -0.34 -23.00
C ALA A 103 1.13 -0.34 -24.47
N TRP A 104 -0.15 -0.06 -24.75
CA TRP A 104 -0.62 -0.04 -26.13
C TRP A 104 -1.54 1.15 -26.35
N ASN A 105 -1.51 1.68 -27.57
CA ASN A 105 -2.30 2.86 -27.91
C ASN A 105 -3.78 2.51 -27.88
N SER A 106 -4.55 3.28 -27.11
CA SER A 106 -5.99 3.12 -27.01
C SER A 106 -6.71 4.37 -27.52
N ASN A 107 -6.17 4.99 -28.57
CA ASN A 107 -6.78 6.20 -29.10
C ASN A 107 -8.15 5.92 -29.68
N ASN A 108 -8.41 4.67 -30.09
CA ASN A 108 -9.71 4.33 -30.67
C ASN A 108 -10.79 4.22 -29.62
N LEU A 109 -10.43 3.91 -28.37
CA LEU A 109 -11.39 3.65 -27.32
C LEU A 109 -11.52 4.78 -26.31
N ASP A 110 -10.41 5.40 -25.92
CA ASP A 110 -10.41 6.42 -24.86
C ASP A 110 -10.34 7.83 -25.42
N SER A 111 -11.00 8.08 -26.55
CA SER A 111 -11.05 9.42 -27.13
C SER A 111 -12.48 9.71 -27.58
N LYS A 112 -12.88 10.97 -27.44
CA LYS A 112 -14.18 11.44 -27.88
C LYS A 112 -14.01 12.66 -28.79
N VAL A 113 -15.00 12.91 -29.64
CA VAL A 113 -14.93 14.03 -30.55
C VAL A 113 -14.84 15.34 -29.78
N GLY A 114 -15.55 15.45 -28.66
CA GLY A 114 -15.47 16.60 -27.79
C GLY A 114 -14.39 16.53 -26.75
N GLY A 115 -13.53 15.51 -26.80
CA GLY A 115 -12.47 15.36 -25.82
C GLY A 115 -12.90 14.51 -24.63
N ASN A 116 -12.20 13.41 -24.40
CA ASN A 116 -12.50 12.52 -23.29
C ASN A 116 -11.71 12.98 -22.07
N TYR A 117 -12.42 13.45 -21.04
CA TYR A 117 -11.80 14.01 -19.85
C TYR A 117 -12.00 13.14 -18.62
N ASN A 118 -12.55 11.94 -18.78
CA ASN A 118 -12.83 11.08 -17.63
C ASN A 118 -11.56 10.55 -16.97
N TYR A 119 -10.44 10.47 -17.70
CA TYR A 119 -9.18 10.04 -17.13
C TYR A 119 -8.45 11.26 -16.58
N LEU A 120 -8.01 11.17 -15.33
CA LEU A 120 -7.38 12.28 -14.62
C LEU A 120 -5.97 11.89 -14.19
N TYR A 121 -5.29 12.84 -13.56
CA TYR A 121 -3.96 12.59 -13.01
C TYR A 121 -3.64 13.65 -11.97
N ARG A 122 -2.87 13.26 -10.97
CA ARG A 122 -2.47 14.18 -9.92
C ARG A 122 -1.43 15.16 -10.45
N LEU A 123 -1.64 16.44 -10.16
CA LEU A 123 -0.76 17.51 -10.64
C LEU A 123 0.17 18.04 -9.54
N PHE A 124 -0.30 18.08 -8.29
CA PHE A 124 0.48 18.58 -7.18
C PHE A 124 0.44 17.58 -6.03
N ARG A 125 1.52 17.56 -5.25
CA ARG A 125 1.60 16.72 -4.06
C ARG A 125 2.78 17.19 -3.22
N LYS A 126 2.59 17.21 -1.90
CA LYS A 126 3.61 17.73 -1.00
C LYS A 126 4.84 16.83 -0.94
N SER A 127 4.72 15.57 -1.36
CA SER A 127 5.86 14.66 -1.34
C SER A 127 5.66 13.61 -2.42
N ASN A 128 6.77 12.99 -2.82
CA ASN A 128 6.74 11.95 -3.84
C ASN A 128 6.16 10.66 -3.28
N LEU A 129 5.45 9.93 -4.13
CA LEU A 129 4.83 8.67 -3.72
C LEU A 129 5.90 7.62 -3.42
N LYS A 130 5.61 6.77 -2.44
CA LYS A 130 6.41 5.59 -2.20
C LYS A 130 6.05 4.49 -3.21
N PRO A 131 6.89 3.48 -3.36
CA PRO A 131 6.59 2.43 -4.34
C PRO A 131 5.22 1.80 -4.10
N PHE A 132 4.50 1.58 -5.20
CA PHE A 132 3.19 0.93 -5.15
C PHE A 132 2.25 1.65 -4.19
N GLU A 133 2.27 2.98 -4.22
CA GLU A 133 1.40 3.80 -3.39
C GLU A 133 0.25 4.33 -4.23
N ARG A 134 -0.94 4.38 -3.63
CA ARG A 134 -2.15 4.89 -4.28
C ARG A 134 -2.66 6.07 -3.47
N ASP A 135 -2.52 7.27 -4.01
CA ASP A 135 -3.04 8.49 -3.39
C ASP A 135 -4.26 8.94 -4.15
N ILE A 136 -5.40 9.02 -3.46
CA ILE A 136 -6.67 9.40 -4.05
C ILE A 136 -7.34 10.54 -3.29
N SER A 137 -6.61 11.19 -2.40
CA SER A 137 -7.16 12.32 -1.66
C SER A 137 -7.32 13.53 -2.56
N THR A 138 -8.42 14.27 -2.37
CA THR A 138 -8.71 15.47 -3.15
C THR A 138 -8.46 16.74 -2.34
N GLU A 139 -7.50 16.69 -1.42
CA GLU A 139 -7.18 17.85 -0.60
C GLU A 139 -6.65 18.99 -1.47
N ILE A 140 -7.06 20.21 -1.13
CA ILE A 140 -6.60 21.39 -1.87
C ILE A 140 -5.11 21.57 -1.62
N TYR A 141 -4.34 21.65 -2.70
CA TYR A 141 -2.90 21.80 -2.57
C TYR A 141 -2.56 23.24 -2.18
N GLN A 142 -1.72 23.37 -1.15
CA GLN A 142 -1.24 24.68 -0.70
C GLN A 142 0.09 24.97 -1.38
N ALA A 143 0.07 25.90 -2.34
CA ALA A 143 1.28 26.28 -3.05
C ALA A 143 1.93 27.54 -2.50
N GLY A 144 1.20 28.32 -1.70
CA GLY A 144 1.72 29.55 -1.16
C GLY A 144 1.78 29.58 0.35
N SER A 145 2.08 30.73 0.92
CA SER A 145 2.17 30.84 2.38
C SER A 145 0.79 30.82 3.03
N THR A 146 -0.23 31.31 2.33
CA THR A 146 -1.57 31.35 2.90
C THR A 146 -2.14 29.93 2.94
N PRO A 147 -2.50 29.41 4.11
CA PRO A 147 -3.08 28.06 4.16
C PRO A 147 -4.43 28.01 3.47
N CYS A 148 -4.74 26.87 2.86
CA CYS A 148 -6.02 26.66 2.21
C CYS A 148 -6.89 25.79 3.11
N ASN A 149 -8.01 26.35 3.57
CA ASN A 149 -8.93 25.64 4.45
C ASN A 149 -9.96 24.84 3.67
N GLY A 150 -9.52 24.02 2.72
CA GLY A 150 -10.42 23.30 1.85
C GLY A 150 -10.98 24.12 0.70
N VAL A 151 -10.52 25.36 0.53
CA VAL A 151 -11.03 26.25 -0.50
C VAL A 151 -9.94 26.51 -1.52
N GLU A 152 -10.36 26.75 -2.76
CA GLU A 152 -9.44 27.03 -3.87
C GLU A 152 -9.31 28.54 -4.05
N GLY A 153 -8.29 28.92 -4.82
CA GLY A 153 -8.05 30.30 -5.12
C GLY A 153 -6.55 30.57 -5.23
N PHE A 154 -6.14 31.72 -4.69
CA PHE A 154 -4.74 32.15 -4.78
C PHE A 154 -3.82 31.12 -4.15
N ASN A 155 -2.98 30.49 -4.96
CA ASN A 155 -2.04 29.46 -4.49
C ASN A 155 -2.77 28.33 -3.78
N CYS A 156 -4.01 28.05 -4.19
CA CYS A 156 -4.82 26.97 -3.64
C CYS A 156 -5.53 26.31 -4.83
N TYR A 157 -4.95 25.23 -5.33
CA TYR A 157 -5.39 24.60 -6.57
C TYR A 157 -5.89 23.19 -6.30
N PHE A 158 -6.86 22.76 -7.11
CA PHE A 158 -7.33 21.39 -7.04
C PHE A 158 -6.21 20.46 -7.53
N PRO A 159 -5.89 19.40 -6.78
CA PRO A 159 -4.69 18.62 -7.12
C PRO A 159 -4.80 17.79 -8.38
N LEU A 160 -6.01 17.50 -8.86
CA LEU A 160 -6.22 16.63 -10.01
C LEU A 160 -6.47 17.46 -11.27
N GLN A 161 -5.85 17.05 -12.38
CA GLN A 161 -6.08 17.65 -13.68
C GLN A 161 -6.51 16.56 -14.66
N SER A 162 -7.39 16.93 -15.59
CA SER A 162 -7.97 16.00 -16.53
C SER A 162 -7.19 16.02 -17.85
N TYR A 163 -7.02 14.83 -18.43
CA TYR A 163 -6.34 14.72 -19.72
C TYR A 163 -7.21 15.23 -20.85
N GLY A 164 -6.56 15.73 -21.89
CA GLY A 164 -7.25 16.10 -23.11
C GLY A 164 -7.01 15.09 -24.21
N PHE A 165 -7.94 14.15 -24.37
CA PHE A 165 -7.81 13.06 -25.34
C PHE A 165 -8.79 13.29 -26.48
N GLN A 166 -8.26 13.65 -27.64
CA GLN A 166 -9.04 13.83 -28.85
C GLN A 166 -8.48 12.96 -29.97
N PRO A 167 -9.30 12.58 -30.94
CA PRO A 167 -8.80 11.73 -32.03
C PRO A 167 -7.66 12.37 -32.82
N THR A 168 -7.60 13.70 -32.90
CA THR A 168 -6.58 14.40 -33.68
C THR A 168 -5.35 14.78 -32.86
N ASN A 169 -5.29 14.39 -31.59
CA ASN A 169 -4.14 14.70 -30.77
C ASN A 169 -2.88 14.01 -31.32
N GLY A 170 -1.74 14.61 -31.03
CA GLY A 170 -0.48 14.00 -31.41
C GLY A 170 -0.23 12.69 -30.68
N VAL A 171 0.56 11.83 -31.33
CA VAL A 171 0.82 10.51 -30.77
C VAL A 171 1.38 10.62 -29.37
N GLY A 172 2.14 11.67 -29.08
CA GLY A 172 2.65 11.86 -27.74
C GLY A 172 1.58 12.18 -26.72
N TYR A 173 0.41 12.63 -27.18
CA TYR A 173 -0.70 12.98 -26.32
C TYR A 173 -1.90 12.05 -26.48
N GLN A 174 -1.79 11.02 -27.35
CA GLN A 174 -2.86 10.05 -27.49
C GLN A 174 -2.93 9.16 -26.26
N PRO A 175 -4.08 8.54 -25.99
CA PRO A 175 -4.18 7.70 -24.80
C PRO A 175 -3.52 6.35 -24.98
N TYR A 176 -2.93 5.86 -23.90
CA TYR A 176 -2.24 4.59 -23.85
C TYR A 176 -2.70 3.83 -22.61
N ARG A 177 -3.09 2.57 -22.80
CA ARG A 177 -3.46 1.70 -21.70
C ARG A 177 -2.22 0.94 -21.25
N VAL A 178 -1.97 0.96 -19.94
CA VAL A 178 -0.76 0.41 -19.33
C VAL A 178 -1.16 -0.67 -18.34
N VAL A 179 -0.52 -1.84 -18.50
CA VAL A 179 -0.66 -2.99 -17.61
C VAL A 179 0.72 -3.29 -17.06
N VAL A 180 0.82 -3.36 -15.73
CA VAL A 180 2.07 -3.59 -15.02
C VAL A 180 1.91 -4.88 -14.24
N LEU A 181 2.69 -5.90 -14.59
CA LEU A 181 2.70 -7.15 -13.85
C LEU A 181 3.92 -7.17 -12.93
N SER A 182 3.69 -7.40 -11.65
CA SER A 182 4.75 -7.51 -10.67
C SER A 182 4.66 -8.86 -9.96
N PHE A 183 5.78 -9.58 -9.91
CA PHE A 183 5.84 -10.92 -9.34
C PHE A 183 6.51 -10.85 -7.98
N GLU A 184 5.96 -11.56 -6.99
CA GLU A 184 6.59 -11.67 -5.69
C GLU A 184 6.81 -13.14 -5.34
N LEU A 185 7.94 -13.42 -4.71
CA LEU A 185 8.31 -14.77 -4.29
C LEU A 185 8.78 -14.69 -2.84
N LEU A 186 8.03 -15.32 -1.93
CA LEU A 186 8.29 -15.28 -0.50
C LEU A 186 8.51 -16.69 0.02
N HIS A 187 8.70 -16.79 1.35
CA HIS A 187 8.87 -18.08 2.01
C HIS A 187 7.51 -18.71 2.30
N ALA A 188 6.71 -18.84 1.24
CA ALA A 188 5.36 -19.35 1.33
C ALA A 188 5.06 -20.19 0.10
N PRO A 189 4.01 -21.00 0.13
CA PRO A 189 3.66 -21.79 -1.05
C PRO A 189 3.37 -20.90 -2.25
N ALA A 190 3.74 -21.39 -3.43
CA ALA A 190 3.53 -20.66 -4.67
C ALA A 190 2.27 -21.18 -5.35
N THR A 191 1.32 -20.28 -5.61
CA THR A 191 0.06 -20.66 -6.20
C THR A 191 -0.02 -20.34 -7.70
N VAL A 192 0.83 -19.47 -8.20
CA VAL A 192 0.82 -19.06 -9.60
C VAL A 192 2.04 -19.68 -10.27
N CYS A 193 1.80 -20.55 -11.24
CA CYS A 193 2.85 -21.22 -11.99
C CYS A 193 2.55 -21.16 -13.48
N GLY A 194 3.59 -21.30 -14.28
CA GLY A 194 3.46 -21.28 -15.72
C GLY A 194 3.24 -22.66 -16.32
N GLU B 1 32.21 -28.57 -25.26
CA GLU B 1 32.19 -28.76 -26.74
C GLU B 1 30.86 -28.30 -27.31
N VAL B 2 30.67 -26.97 -27.36
CA VAL B 2 29.47 -26.36 -27.93
C VAL B 2 29.90 -25.52 -29.12
N GLN B 3 29.28 -25.79 -30.28
CA GLN B 3 29.66 -25.14 -31.52
C GLN B 3 28.48 -24.42 -32.15
N LEU B 4 28.72 -23.18 -32.56
CA LEU B 4 27.79 -22.35 -33.29
C LEU B 4 28.48 -21.83 -34.55
N VAL B 5 27.84 -22.00 -35.71
CA VAL B 5 28.42 -21.62 -36.99
C VAL B 5 27.45 -20.68 -37.69
N GLU B 6 27.90 -19.45 -37.97
CA GLU B 6 27.07 -18.49 -38.69
C GLU B 6 27.35 -18.56 -40.18
N SER B 7 26.33 -18.23 -40.98
CA SER B 7 26.46 -18.23 -42.43
C SER B 7 25.37 -17.34 -43.01
N GLY B 8 25.53 -17.02 -44.29
CA GLY B 8 24.59 -16.20 -45.02
C GLY B 8 24.99 -14.74 -45.15
N GLY B 9 26.12 -14.34 -44.57
CA GLY B 9 26.53 -12.96 -44.62
C GLY B 9 27.17 -12.59 -45.94
N GLY B 10 26.96 -11.35 -46.35
CA GLY B 10 27.52 -10.83 -47.58
C GLY B 10 27.40 -9.33 -47.64
N VAL B 11 27.42 -8.81 -48.86
CA VAL B 11 27.20 -7.39 -49.11
C VAL B 11 25.87 -7.23 -49.82
N VAL B 12 25.15 -6.16 -49.49
CA VAL B 12 23.79 -5.99 -49.96
C VAL B 12 23.47 -4.51 -50.04
N GLN B 13 22.62 -4.14 -50.98
CA GLN B 13 22.23 -2.76 -51.17
C GLN B 13 21.29 -2.32 -50.05
N PRO B 14 21.25 -1.02 -49.74
CA PRO B 14 20.27 -0.53 -48.76
C PRO B 14 18.86 -0.84 -49.21
N GLY B 15 18.00 -1.18 -48.24
CA GLY B 15 16.62 -1.50 -48.51
C GLY B 15 16.37 -2.93 -48.98
N ARG B 16 17.43 -3.68 -49.26
CA ARG B 16 17.29 -5.08 -49.67
C ARG B 16 17.10 -5.97 -48.45
N SER B 17 17.13 -7.28 -48.68
CA SER B 17 16.91 -8.26 -47.63
C SER B 17 18.03 -9.29 -47.63
N LEU B 18 18.29 -9.86 -46.47
CA LEU B 18 19.31 -10.90 -46.32
C LEU B 18 18.84 -11.91 -45.29
N ARG B 19 19.47 -13.07 -45.28
CA ARG B 19 19.07 -14.19 -44.43
C ARG B 19 20.32 -14.80 -43.78
N LEU B 20 20.46 -14.59 -42.48
CA LEU B 20 21.54 -15.21 -41.72
C LEU B 20 21.03 -16.50 -41.07
N SER B 21 21.92 -17.48 -40.96
CA SER B 21 21.55 -18.77 -40.39
C SER B 21 22.67 -19.26 -39.49
N CYS B 22 22.30 -19.71 -38.30
CA CYS B 22 23.21 -20.24 -37.30
C CYS B 22 22.94 -21.73 -37.12
N ALA B 23 24.01 -22.52 -37.09
CA ALA B 23 23.92 -23.97 -36.90
C ALA B 23 24.51 -24.28 -35.53
N ALA B 24 23.71 -24.88 -34.67
CA ALA B 24 24.13 -25.29 -33.33
C ALA B 24 24.46 -26.77 -33.32
N SER B 25 25.38 -27.15 -32.43
CA SER B 25 25.76 -28.55 -32.33
C SER B 25 26.19 -28.86 -30.91
N ALA B 26 26.01 -30.14 -30.53
CA ALA B 26 26.57 -30.69 -29.29
C ALA B 26 25.87 -30.14 -28.05
N PHE B 27 24.61 -29.72 -28.18
CA PHE B 27 23.80 -29.39 -27.01
C PHE B 27 22.34 -29.33 -27.44
N THR B 28 21.46 -29.45 -26.46
CA THR B 28 20.03 -29.43 -26.73
C THR B 28 19.61 -28.04 -27.20
N PHE B 29 19.61 -27.82 -28.51
CA PHE B 29 19.35 -26.49 -29.06
C PHE B 29 17.90 -26.07 -28.84
N SER B 30 16.97 -27.01 -28.79
CA SER B 30 15.55 -26.68 -28.67
C SER B 30 15.13 -26.36 -27.24
N SER B 31 16.05 -26.43 -26.28
CA SER B 31 15.74 -26.19 -24.87
C SER B 31 16.48 -24.98 -24.33
N TYR B 32 16.78 -24.01 -25.19
CA TYR B 32 17.48 -22.80 -24.78
C TYR B 32 17.02 -21.61 -25.61
N ASP B 33 16.92 -20.45 -24.97
CA ASP B 33 16.64 -19.22 -25.68
C ASP B 33 17.90 -18.78 -26.42
N MET B 34 17.71 -18.34 -27.67
CA MET B 34 18.83 -17.99 -28.54
C MET B 34 18.85 -16.50 -28.82
N HIS B 35 20.05 -15.96 -28.98
CA HIS B 35 20.29 -14.53 -29.13
C HIS B 35 21.10 -14.24 -30.39
N TRP B 36 20.84 -13.08 -30.98
CA TRP B 36 21.68 -12.53 -32.05
C TRP B 36 22.28 -11.21 -31.58
N VAL B 37 23.58 -11.03 -31.80
CA VAL B 37 24.27 -9.82 -31.39
C VAL B 37 25.21 -9.39 -32.52
N ARG B 38 25.19 -8.11 -32.85
CA ARG B 38 26.00 -7.58 -33.94
C ARG B 38 27.01 -6.57 -33.40
N GLN B 39 28.09 -6.41 -34.15
CA GLN B 39 29.15 -5.47 -33.77
C GLN B 39 29.61 -4.76 -35.04
N ALA B 40 29.45 -3.45 -35.09
CA ALA B 40 29.84 -2.70 -36.27
C ALA B 40 31.36 -2.59 -36.35
N PRO B 41 31.92 -2.41 -37.55
CA PRO B 41 33.38 -2.31 -37.68
C PRO B 41 33.94 -1.20 -36.83
N GLY B 42 34.73 -1.58 -35.83
CA GLY B 42 35.36 -0.63 -34.93
C GLY B 42 34.53 -0.27 -33.73
N LYS B 43 33.22 -0.56 -33.75
CA LYS B 43 32.35 -0.23 -32.64
C LYS B 43 32.26 -1.43 -31.69
N GLY B 44 31.40 -1.33 -30.69
CA GLY B 44 31.22 -2.38 -29.72
C GLY B 44 30.07 -3.31 -30.06
N LEU B 45 29.70 -4.15 -29.11
CA LEU B 45 28.62 -5.10 -29.28
C LEU B 45 27.28 -4.41 -29.07
N GLU B 46 26.25 -4.91 -29.73
CA GLU B 46 24.90 -4.38 -29.59
C GLU B 46 23.90 -5.52 -29.71
N TRP B 47 23.03 -5.65 -28.71
CA TRP B 47 22.03 -6.71 -28.73
C TRP B 47 21.00 -6.45 -29.82
N VAL B 48 20.53 -7.54 -30.44
CA VAL B 48 19.67 -7.43 -31.62
C VAL B 48 18.33 -8.11 -31.39
N ALA B 49 18.34 -9.43 -31.17
CA ALA B 49 17.10 -10.19 -31.16
C ALA B 49 17.24 -11.40 -30.25
N VAL B 50 16.09 -11.88 -29.76
CA VAL B 50 16.01 -13.06 -28.92
C VAL B 50 14.78 -13.86 -29.32
N ILE B 51 14.93 -15.18 -29.34
CA ILE B 51 13.83 -16.09 -29.58
C ILE B 51 13.82 -17.16 -28.49
N SER B 52 12.62 -17.60 -28.12
CA SER B 52 12.47 -18.57 -27.05
C SER B 52 12.92 -19.95 -27.52
N TYR B 53 13.05 -20.86 -26.55
CA TYR B 53 13.46 -22.22 -26.87
C TYR B 53 12.46 -22.92 -27.77
N ASP B 54 11.17 -22.68 -27.56
CA ASP B 54 10.12 -23.29 -28.36
C ASP B 54 9.78 -22.47 -29.60
N GLY B 55 10.38 -21.30 -29.77
CA GLY B 55 10.11 -20.49 -30.94
C GLY B 55 8.75 -19.82 -30.95
N SER B 56 8.15 -19.60 -29.78
CA SER B 56 6.87 -18.92 -29.69
C SER B 56 6.99 -17.44 -29.34
N ASN B 57 8.06 -17.04 -28.68
CA ASN B 57 8.28 -15.64 -28.30
C ASN B 57 9.42 -15.08 -29.13
N LYS B 58 9.27 -13.83 -29.56
CA LYS B 58 10.27 -13.14 -30.36
C LYS B 58 10.37 -11.71 -29.90
N TYR B 59 11.57 -11.31 -29.48
CA TYR B 59 11.81 -9.98 -28.95
C TYR B 59 12.96 -9.32 -29.68
N TYR B 60 12.85 -8.00 -29.86
CA TYR B 60 13.85 -7.23 -30.57
C TYR B 60 14.07 -5.91 -29.85
N ALA B 61 15.18 -5.25 -30.19
CA ALA B 61 15.43 -3.93 -29.66
C ALA B 61 14.78 -2.86 -30.55
N ASP B 62 14.77 -1.62 -30.06
CA ASP B 62 14.09 -0.56 -30.77
C ASP B 62 14.74 -0.24 -32.12
N SER B 63 16.05 -0.41 -32.23
CA SER B 63 16.75 0.00 -33.45
C SER B 63 16.36 -0.82 -34.67
N VAL B 64 15.85 -2.05 -34.49
CA VAL B 64 15.48 -2.90 -35.61
C VAL B 64 14.04 -3.38 -35.52
N LYS B 65 13.27 -2.93 -34.55
CA LYS B 65 11.92 -3.45 -34.38
C LYS B 65 11.07 -3.19 -35.61
N GLY B 66 10.28 -4.20 -36.00
CA GLY B 66 9.51 -4.12 -37.22
C GLY B 66 10.33 -4.19 -38.49
N ARG B 67 11.62 -4.48 -38.39
CA ARG B 67 12.52 -4.53 -39.52
C ARG B 67 13.24 -5.86 -39.65
N PHE B 68 13.66 -6.46 -38.54
CA PHE B 68 14.25 -7.79 -38.52
C PHE B 68 13.22 -8.80 -38.03
N THR B 69 13.52 -10.07 -38.26
CA THR B 69 12.69 -11.17 -37.78
C THR B 69 13.61 -12.32 -37.38
N ILE B 70 13.29 -12.97 -36.26
CA ILE B 70 14.10 -14.06 -35.74
C ILE B 70 13.22 -15.29 -35.61
N SER B 71 13.69 -16.41 -36.15
CA SER B 71 12.98 -17.68 -36.09
C SER B 71 13.98 -18.78 -35.84
N ARG B 72 13.47 -20.01 -35.73
CA ARG B 72 14.35 -21.15 -35.48
C ARG B 72 13.68 -22.43 -35.96
N ASP B 73 14.50 -23.41 -36.32
CA ASP B 73 14.06 -24.74 -36.70
C ASP B 73 14.74 -25.72 -35.75
N ASN B 74 13.98 -26.20 -34.76
CA ASN B 74 14.51 -27.15 -33.80
C ASN B 74 14.85 -28.48 -34.47
N SER B 75 14.03 -28.91 -35.44
CA SER B 75 14.30 -30.17 -36.12
C SER B 75 15.65 -30.15 -36.82
N LYS B 76 15.99 -29.03 -37.44
CA LYS B 76 17.26 -28.87 -38.12
C LYS B 76 18.34 -28.25 -37.22
N ASN B 77 18.00 -27.93 -35.97
CA ASN B 77 18.97 -27.34 -35.04
C ASN B 77 19.60 -26.09 -35.63
N THR B 78 18.75 -25.15 -36.05
CA THR B 78 19.23 -23.91 -36.67
C THR B 78 18.42 -22.72 -36.17
N LEU B 79 19.05 -21.56 -36.27
CA LEU B 79 18.49 -20.28 -35.84
C LEU B 79 18.58 -19.29 -37.00
N TYR B 80 17.42 -18.84 -37.49
CA TYR B 80 17.36 -17.98 -38.66
C TYR B 80 17.11 -16.53 -38.26
N LEU B 81 17.73 -15.61 -39.01
CA LEU B 81 17.57 -14.18 -38.80
C LEU B 81 17.34 -13.53 -40.16
N GLN B 82 16.10 -13.15 -40.44
CA GLN B 82 15.76 -12.48 -41.68
C GLN B 82 15.87 -10.98 -41.48
N MET B 83 16.74 -10.34 -42.25
CA MET B 83 17.00 -8.89 -42.16
C MET B 83 16.38 -8.23 -43.38
N ASN B 84 15.18 -7.70 -43.21
CA ASN B 84 14.50 -6.97 -44.26
C ASN B 84 14.69 -5.47 -44.06
N SER B 85 14.72 -4.73 -45.17
CA SER B 85 14.90 -3.29 -45.15
C SER B 85 16.19 -2.92 -44.40
N LEU B 86 17.31 -3.39 -44.94
CA LEU B 86 18.61 -3.17 -44.33
C LEU B 86 19.09 -1.74 -44.61
N ARG B 87 19.60 -1.09 -43.58
CA ARG B 87 20.15 0.25 -43.67
C ARG B 87 21.67 0.22 -43.47
N ALA B 88 22.29 1.39 -43.68
CA ALA B 88 23.73 1.49 -43.49
C ALA B 88 24.13 1.22 -42.05
N GLU B 89 23.26 1.54 -41.09
CA GLU B 89 23.56 1.28 -39.69
C GLU B 89 23.67 -0.21 -39.39
N ASP B 90 23.12 -1.06 -40.25
CA ASP B 90 23.10 -2.49 -40.02
C ASP B 90 24.42 -3.18 -40.36
N THR B 91 25.36 -2.46 -40.96
CA THR B 91 26.65 -3.05 -41.33
C THR B 91 27.43 -3.47 -40.10
N ALA B 92 27.58 -4.78 -39.89
CA ALA B 92 28.26 -5.29 -38.69
C ALA B 92 28.52 -6.78 -38.88
N VAL B 93 29.20 -7.36 -37.90
CA VAL B 93 29.42 -8.80 -37.81
C VAL B 93 28.40 -9.34 -36.82
N TYR B 94 27.63 -10.34 -37.25
CA TYR B 94 26.53 -10.89 -36.48
C TYR B 94 26.92 -12.26 -35.91
N TYR B 95 26.71 -12.44 -34.61
CA TYR B 95 26.96 -13.70 -33.92
C TYR B 95 25.64 -14.23 -33.37
N CYS B 96 25.55 -15.56 -33.31
CA CYS B 96 24.50 -16.26 -32.57
C CYS B 96 25.07 -16.76 -31.26
N ALA B 97 24.26 -16.69 -30.20
CA ALA B 97 24.73 -16.97 -28.85
C ALA B 97 23.68 -17.76 -28.08
N LYS B 98 24.15 -18.74 -27.31
CA LYS B 98 23.30 -19.48 -26.39
C LYS B 98 23.11 -18.70 -25.10
N ASP B 99 21.96 -18.92 -24.45
CA ASP B 99 21.64 -18.19 -23.23
C ASP B 99 22.27 -18.83 -22.01
N GLY B 100 21.92 -20.07 -21.71
CA GLY B 100 22.36 -20.73 -20.50
C GLY B 100 21.22 -21.00 -19.53
N GLY B 101 20.41 -19.98 -19.28
CA GLY B 101 19.23 -20.15 -18.46
C GLY B 101 19.50 -20.41 -16.99
N LYS B 102 20.69 -20.06 -16.50
CA LYS B 102 21.00 -20.27 -15.09
C LYS B 102 20.43 -19.20 -14.18
N LEU B 103 20.10 -18.03 -14.72
CA LEU B 103 19.60 -16.91 -13.93
C LEU B 103 18.19 -16.55 -14.38
N TRP B 104 17.58 -15.60 -13.66
CA TRP B 104 16.29 -15.06 -14.06
C TRP B 104 16.38 -14.12 -15.25
N VAL B 105 17.59 -13.76 -15.67
CA VAL B 105 17.82 -12.78 -16.72
C VAL B 105 18.60 -13.46 -17.84
N TYR B 106 18.94 -12.69 -18.86
CA TYR B 106 19.69 -13.20 -20.00
C TYR B 106 21.18 -12.95 -19.83
N TYR B 107 21.97 -14.00 -20.06
CA TYR B 107 23.41 -13.87 -20.22
C TYR B 107 23.83 -14.79 -21.37
N PHE B 108 24.97 -14.46 -21.99
CA PHE B 108 25.40 -15.12 -23.21
C PHE B 108 26.49 -16.13 -22.88
N ASP B 109 26.17 -17.41 -23.09
CA ASP B 109 27.05 -18.48 -22.65
C ASP B 109 28.21 -18.72 -23.62
N TYR B 110 27.89 -19.07 -24.86
CA TYR B 110 28.89 -19.40 -25.87
C TYR B 110 28.64 -18.61 -27.14
N TRP B 111 29.73 -18.15 -27.76
CA TRP B 111 29.66 -17.32 -28.95
C TRP B 111 30.12 -18.11 -30.18
N GLY B 112 29.40 -17.94 -31.28
CA GLY B 112 29.93 -18.34 -32.57
C GLY B 112 30.95 -17.34 -33.08
N GLN B 113 31.60 -17.68 -34.19
CA GLN B 113 32.61 -16.79 -34.74
C GLN B 113 32.02 -15.64 -35.54
N GLY B 114 30.75 -15.72 -35.93
CA GLY B 114 30.08 -14.60 -36.55
C GLY B 114 30.20 -14.60 -38.07
N THR B 115 29.33 -13.82 -38.70
CA THR B 115 29.32 -13.64 -40.14
C THR B 115 29.20 -12.16 -40.45
N LEU B 116 29.92 -11.70 -41.47
CA LEU B 116 29.97 -10.29 -41.80
C LEU B 116 28.78 -9.91 -42.67
N VAL B 117 28.23 -8.72 -42.45
CA VAL B 117 27.12 -8.19 -43.24
C VAL B 117 27.43 -6.72 -43.50
N THR B 118 27.59 -6.35 -44.77
CA THR B 118 27.88 -4.98 -45.16
C THR B 118 26.75 -4.45 -46.04
N VAL B 119 26.39 -3.19 -45.84
CA VAL B 119 25.27 -2.57 -46.55
C VAL B 119 25.83 -1.49 -47.47
N SER B 120 25.94 -1.84 -48.75
CA SER B 120 26.31 -0.93 -49.83
C SER B 120 25.77 -1.50 -51.13
N SER B 121 25.74 -0.67 -52.16
CA SER B 121 25.06 -0.80 -53.44
C SER B 121 26.02 -0.75 -54.63
N ALA B 122 27.18 -1.39 -54.53
CA ALA B 122 28.15 -1.39 -55.61
C ALA B 122 28.37 -2.81 -56.12
N SER B 123 28.68 -2.92 -57.41
CA SER B 123 29.00 -4.20 -58.03
C SER B 123 30.48 -4.50 -57.84
N THR B 124 30.87 -5.72 -58.20
CA THR B 124 32.25 -6.15 -58.04
C THR B 124 33.15 -5.35 -58.98
N LYS B 125 34.18 -4.74 -58.43
CA LYS B 125 35.11 -3.92 -59.19
C LYS B 125 36.55 -4.33 -58.88
N GLY B 126 37.40 -4.29 -59.89
CA GLY B 126 38.79 -4.63 -59.73
C GLY B 126 39.56 -3.49 -59.08
N PRO B 127 40.50 -3.80 -58.19
CA PRO B 127 41.23 -2.72 -57.51
C PRO B 127 42.17 -1.99 -58.45
N SER B 128 42.41 -0.72 -58.14
CA SER B 128 43.43 0.08 -58.80
C SER B 128 44.62 0.21 -57.87
N VAL B 129 45.77 -0.28 -58.31
CA VAL B 129 46.98 -0.28 -57.49
C VAL B 129 47.88 0.86 -57.94
N PHE B 130 48.30 1.69 -56.99
CA PHE B 130 49.15 2.83 -57.26
C PHE B 130 50.40 2.76 -56.39
N PRO B 131 51.53 3.27 -56.88
CA PRO B 131 52.75 3.26 -56.07
C PRO B 131 52.78 4.41 -55.08
N LEU B 132 53.56 4.22 -54.03
CA LEU B 132 53.83 5.22 -53.00
C LEU B 132 55.34 5.29 -52.90
N ALA B 133 55.94 6.19 -53.67
CA ALA B 133 57.39 6.27 -53.78
C ALA B 133 57.98 6.98 -52.57
N PRO B 134 59.19 6.59 -52.13
CA PRO B 134 59.83 7.29 -51.02
C PRO B 134 60.68 8.45 -51.47
N SER B 135 61.32 9.14 -50.52
CA SER B 135 62.24 10.23 -50.82
C SER B 135 63.35 10.22 -49.79
N SER B 136 64.29 11.14 -49.93
CA SER B 136 65.40 11.25 -48.99
C SER B 136 65.01 12.13 -47.80
N GLY B 142 68.37 6.61 -40.15
CA GLY B 142 67.54 7.30 -41.12
C GLY B 142 67.14 6.43 -42.29
N THR B 143 66.08 5.64 -42.12
CA THR B 143 65.59 4.76 -43.16
C THR B 143 64.50 5.47 -43.96
N ALA B 144 63.86 4.73 -44.86
CA ALA B 144 62.78 5.26 -45.68
C ALA B 144 61.65 4.25 -45.69
N ALA B 145 60.51 4.66 -46.27
CA ALA B 145 59.35 3.78 -46.37
C ALA B 145 58.61 4.08 -47.66
N LEU B 146 58.07 3.02 -48.26
CA LEU B 146 57.31 3.12 -49.50
C LEU B 146 56.09 2.23 -49.39
N GLY B 147 55.29 2.17 -50.43
CA GLY B 147 54.14 1.28 -50.36
C GLY B 147 53.31 1.24 -51.63
N CYS B 148 52.13 0.65 -51.48
CA CYS B 148 51.12 0.59 -52.53
C CYS B 148 49.76 0.97 -51.97
N LEU B 149 48.92 1.51 -52.86
CA LEU B 149 47.57 1.96 -52.54
C LEU B 149 46.60 1.17 -53.41
N VAL B 150 45.75 0.37 -52.77
CA VAL B 150 44.76 -0.45 -53.46
C VAL B 150 43.42 0.25 -53.29
N LYS B 151 43.03 1.05 -54.28
CA LYS B 151 41.88 1.94 -54.16
C LYS B 151 40.77 1.53 -55.12
N ASP B 152 39.53 1.83 -54.72
CA ASP B 152 38.38 1.66 -55.59
C ASP B 152 38.19 0.18 -55.95
N TYR B 153 37.91 -0.65 -54.94
CA TYR B 153 37.67 -2.06 -55.18
C TYR B 153 36.48 -2.50 -54.35
N PHE B 154 35.88 -3.60 -54.76
CA PHE B 154 34.74 -4.15 -54.05
C PHE B 154 34.42 -5.54 -54.56
N PRO B 155 34.08 -6.51 -53.68
CA PRO B 155 34.03 -6.42 -52.22
C PRO B 155 35.34 -6.84 -51.55
N GLU B 156 35.31 -6.99 -50.24
CA GLU B 156 36.46 -7.49 -49.51
C GLU B 156 36.63 -8.99 -49.73
N PRO B 157 37.85 -9.53 -49.52
CA PRO B 157 39.10 -8.85 -49.21
C PRO B 157 40.05 -8.80 -50.41
N VAL B 158 41.24 -8.24 -50.21
CA VAL B 158 42.30 -8.26 -51.20
C VAL B 158 43.59 -8.68 -50.49
N THR B 159 44.31 -9.63 -51.10
CA THR B 159 45.54 -10.15 -50.53
C THR B 159 46.72 -9.38 -51.12
N VAL B 160 47.55 -8.82 -50.25
CA VAL B 160 48.68 -7.98 -50.65
C VAL B 160 49.95 -8.58 -50.09
N SER B 161 50.94 -8.78 -50.95
CA SER B 161 52.26 -9.25 -50.57
C SER B 161 53.32 -8.37 -51.22
N TRP B 162 54.54 -8.45 -50.71
CA TRP B 162 55.66 -7.68 -51.23
C TRP B 162 56.77 -8.61 -51.68
N ASN B 163 57.27 -8.37 -52.89
CA ASN B 163 58.31 -9.21 -53.51
C ASN B 163 57.88 -10.68 -53.52
N SER B 164 56.61 -10.91 -53.87
CA SER B 164 56.08 -12.26 -54.00
C SER B 164 56.27 -13.07 -52.72
N GLY B 165 56.03 -12.42 -51.58
CA GLY B 165 56.16 -13.05 -50.29
C GLY B 165 57.56 -13.04 -49.71
N ALA B 166 58.55 -12.55 -50.46
CA ALA B 166 59.92 -12.53 -49.96
C ALA B 166 60.12 -11.48 -48.89
N LEU B 167 59.46 -10.32 -49.02
CA LEU B 167 59.60 -9.23 -48.08
C LEU B 167 58.54 -9.38 -47.00
N THR B 168 58.97 -9.74 -45.78
CA THR B 168 58.06 -10.01 -44.68
C THR B 168 58.23 -8.99 -43.54
N SER B 169 59.45 -8.81 -43.05
CA SER B 169 59.67 -7.91 -41.93
C SER B 169 59.53 -6.46 -42.37
N GLY B 170 58.91 -5.65 -41.51
CA GLY B 170 58.73 -4.24 -41.79
C GLY B 170 57.56 -3.90 -42.68
N VAL B 171 56.64 -4.83 -42.91
CA VAL B 171 55.50 -4.63 -43.78
C VAL B 171 54.25 -4.41 -42.94
N HIS B 172 53.46 -3.41 -43.32
CA HIS B 172 52.21 -3.08 -42.62
C HIS B 172 51.10 -2.96 -43.64
N THR B 173 50.09 -3.82 -43.51
CA THR B 173 48.91 -3.79 -44.37
C THR B 173 47.73 -3.32 -43.52
N PHE B 174 47.21 -2.13 -43.84
CA PHE B 174 46.18 -1.54 -43.01
C PHE B 174 44.81 -2.09 -43.37
N PRO B 175 43.87 -2.10 -42.41
CA PRO B 175 42.50 -2.49 -42.75
C PRO B 175 41.88 -1.54 -43.76
N ALA B 176 41.01 -2.09 -44.59
CA ALA B 176 40.34 -1.28 -45.60
C ALA B 176 39.35 -0.33 -44.95
N VAL B 177 39.04 0.75 -45.68
CA VAL B 177 38.07 1.76 -45.24
C VAL B 177 37.03 1.91 -46.34
N LEU B 178 35.75 1.86 -45.95
CA LEU B 178 34.65 1.96 -46.91
C LEU B 178 34.41 3.43 -47.19
N GLN B 179 34.94 3.91 -48.31
CA GLN B 179 34.77 5.30 -48.70
C GLN B 179 33.35 5.55 -49.20
N SER B 180 32.98 6.83 -49.28
CA SER B 180 31.59 7.19 -49.56
C SER B 180 31.10 6.65 -50.89
N SER B 181 31.99 6.33 -51.82
CA SER B 181 31.58 5.80 -53.11
C SER B 181 31.00 4.40 -53.01
N GLY B 182 31.12 3.73 -51.86
CA GLY B 182 30.70 2.37 -51.72
C GLY B 182 31.77 1.34 -51.97
N LEU B 183 32.90 1.74 -52.55
CA LEU B 183 34.03 0.85 -52.78
C LEU B 183 34.96 0.89 -51.57
N TYR B 184 36.12 0.24 -51.71
CA TYR B 184 37.07 0.10 -50.62
C TYR B 184 38.42 0.68 -51.00
N SER B 185 39.09 1.26 -50.01
CA SER B 185 40.44 1.78 -50.16
C SER B 185 41.32 1.18 -49.08
N LEU B 186 42.49 0.68 -49.49
CA LEU B 186 43.41 0.01 -48.58
C LEU B 186 44.82 0.51 -48.86
N SER B 187 45.63 0.55 -47.80
CA SER B 187 47.00 0.99 -47.89
C SER B 187 47.93 -0.09 -47.36
N SER B 188 49.00 -0.37 -48.10
CA SER B 188 50.05 -1.27 -47.63
C SER B 188 51.37 -0.53 -47.77
N VAL B 189 52.24 -0.67 -46.78
CA VAL B 189 53.52 0.01 -46.78
C VAL B 189 54.59 -0.94 -46.26
N VAL B 190 55.85 -0.58 -46.52
CA VAL B 190 57.00 -1.31 -46.00
C VAL B 190 58.13 -0.32 -45.83
N THR B 191 58.84 -0.45 -44.72
CA THR B 191 59.96 0.43 -44.38
C THR B 191 61.26 -0.33 -44.63
N VAL B 192 62.14 0.28 -45.41
CA VAL B 192 63.42 -0.35 -45.75
C VAL B 192 64.52 0.66 -45.47
N PRO B 193 65.76 0.19 -45.28
CA PRO B 193 66.87 1.12 -45.09
C PRO B 193 67.01 2.06 -46.28
N SER B 194 67.38 3.31 -46.01
CA SER B 194 67.52 4.30 -47.06
C SER B 194 68.64 3.97 -48.03
N SER B 195 69.52 3.02 -47.68
CA SER B 195 70.63 2.68 -48.55
C SER B 195 70.18 1.84 -49.74
N SER B 196 69.50 0.72 -49.46
CA SER B 196 69.05 -0.19 -50.52
C SER B 196 67.76 0.35 -51.12
N LEU B 197 67.92 1.34 -52.01
CA LEU B 197 66.79 1.96 -52.68
C LEU B 197 66.91 1.96 -54.20
N GLY B 198 68.07 1.63 -54.76
CA GLY B 198 68.23 1.58 -56.20
C GLY B 198 68.57 0.18 -56.67
N THR B 199 69.19 -0.61 -55.79
CA THR B 199 69.54 -1.98 -56.16
C THR B 199 68.37 -2.93 -55.92
N GLN B 200 67.81 -2.91 -54.72
CA GLN B 200 66.69 -3.80 -54.40
C GLN B 200 65.43 -3.34 -55.12
N THR B 201 64.77 -4.26 -55.81
CA THR B 201 63.53 -3.98 -56.51
C THR B 201 62.36 -4.35 -55.62
N TYR B 202 61.39 -3.45 -55.51
CA TYR B 202 60.21 -3.66 -54.67
C TYR B 202 58.98 -3.65 -55.55
N ILE B 203 58.26 -4.77 -55.58
CA ILE B 203 57.03 -4.89 -56.36
C ILE B 203 55.95 -5.42 -55.43
N CYS B 204 54.81 -4.77 -55.41
CA CYS B 204 53.70 -5.21 -54.59
C CYS B 204 52.72 -6.03 -55.43
N ASN B 205 52.35 -7.19 -54.89
CA ASN B 205 51.47 -8.16 -55.54
C ASN B 205 50.11 -8.08 -54.86
N VAL B 206 49.11 -7.67 -55.62
CA VAL B 206 47.74 -7.53 -55.14
C VAL B 206 46.86 -8.54 -55.85
N ASN B 207 45.99 -9.21 -55.10
CA ASN B 207 45.08 -10.19 -55.68
C ASN B 207 43.69 -9.98 -55.10
N HIS B 208 42.70 -9.88 -55.98
CA HIS B 208 41.30 -9.71 -55.64
C HIS B 208 40.54 -10.86 -56.29
N LYS B 209 40.41 -11.97 -55.56
CA LYS B 209 39.70 -13.12 -56.09
C LYS B 209 38.25 -12.82 -56.42
N PRO B 210 37.49 -12.09 -55.60
CA PRO B 210 36.10 -11.78 -55.98
C PRO B 210 35.98 -11.16 -57.35
N SER B 211 36.90 -10.26 -57.71
CA SER B 211 36.96 -9.70 -59.06
C SER B 211 37.90 -10.46 -59.97
N ASN B 212 38.64 -11.44 -59.45
CA ASN B 212 39.62 -12.19 -60.23
C ASN B 212 40.61 -11.25 -60.92
N THR B 213 41.34 -10.50 -60.09
CA THR B 213 42.27 -9.50 -60.58
C THR B 213 43.60 -9.62 -59.85
N LYS B 214 44.66 -9.97 -60.59
CA LYS B 214 46.01 -10.02 -60.07
C LYS B 214 46.84 -8.91 -60.70
N VAL B 215 47.52 -8.14 -59.85
CA VAL B 215 48.27 -6.97 -60.30
C VAL B 215 49.61 -6.92 -59.57
N ASP B 216 50.70 -6.77 -60.31
CA ASP B 216 52.01 -6.54 -59.74
C ASP B 216 52.48 -5.15 -60.14
N LYS B 217 52.71 -4.30 -59.15
CA LYS B 217 53.05 -2.91 -59.38
C LYS B 217 54.48 -2.65 -58.93
N ARG B 218 55.30 -2.10 -59.84
CA ARG B 218 56.64 -1.64 -59.50
C ARG B 218 56.54 -0.38 -58.66
N VAL B 219 57.41 -0.26 -57.66
CA VAL B 219 57.48 0.90 -56.79
C VAL B 219 58.91 1.38 -56.79
N GLU B 220 59.13 2.58 -57.32
CA GLU B 220 60.46 3.17 -57.41
C GLU B 220 60.41 4.61 -56.95
N PRO B 221 61.53 5.15 -56.45
CA PRO B 221 61.49 6.50 -55.87
C PRO B 221 61.22 7.58 -56.90
N LYS B 222 60.64 8.67 -56.42
CA LYS B 222 60.38 9.82 -57.26
C LYS B 222 61.67 10.38 -57.83
N SER B 223 61.62 10.83 -59.08
CA SER B 223 62.79 11.32 -59.80
C SER B 223 62.60 12.79 -60.14
N ASP C 1 17.25 5.23 -21.90
CA ASP C 1 17.80 3.84 -21.79
C ASP C 1 18.94 3.82 -20.76
N ILE C 2 19.60 2.67 -20.65
CA ILE C 2 20.67 2.47 -19.67
C ILE C 2 22.00 2.51 -20.39
N GLN C 3 22.89 3.39 -19.94
CA GLN C 3 24.22 3.52 -20.50
C GLN C 3 25.25 2.93 -19.55
N MET C 4 26.18 2.17 -20.11
CA MET C 4 27.21 1.48 -19.34
C MET C 4 28.56 2.14 -19.63
N THR C 5 29.03 2.93 -18.67
CA THR C 5 30.32 3.61 -18.80
C THR C 5 31.41 2.72 -18.22
N GLN C 6 32.34 2.30 -19.08
CA GLN C 6 33.39 1.36 -18.70
C GLN C 6 34.72 2.10 -18.68
N SER C 7 35.40 2.07 -17.53
CA SER C 7 36.65 2.78 -17.35
C SER C 7 37.71 1.86 -16.77
N PRO C 8 38.99 2.16 -17.03
CA PRO C 8 39.44 3.22 -17.94
C PRO C 8 39.22 2.81 -19.39
N SER C 9 39.14 3.78 -20.30
CA SER C 9 38.95 3.44 -21.71
C SER C 9 40.02 2.47 -22.20
N SER C 10 41.26 2.68 -21.77
CA SER C 10 42.34 1.76 -22.10
C SER C 10 43.47 1.89 -21.08
N LEU C 11 43.89 0.77 -20.50
CA LEU C 11 44.92 0.76 -19.47
C LEU C 11 46.13 -0.04 -19.95
N SER C 12 47.29 0.30 -19.39
CA SER C 12 48.54 -0.37 -19.68
C SER C 12 49.01 -1.10 -18.43
N ALA C 13 49.25 -2.41 -18.56
CA ALA C 13 49.76 -3.21 -17.45
C ALA C 13 50.67 -4.30 -18.00
N SER C 14 51.57 -4.77 -17.15
CA SER C 14 52.48 -5.85 -17.51
C SER C 14 51.97 -7.18 -16.93
N VAL C 15 52.66 -8.26 -17.28
CA VAL C 15 52.27 -9.58 -16.82
C VAL C 15 52.49 -9.70 -15.32
N GLY C 16 51.54 -10.35 -14.64
CA GLY C 16 51.61 -10.55 -13.21
C GLY C 16 51.01 -9.44 -12.37
N ASP C 17 50.65 -8.32 -12.99
CA ASP C 17 50.06 -7.20 -12.27
C ASP C 17 48.59 -7.49 -11.93
N ARG C 18 48.15 -6.93 -10.80
CA ARG C 18 46.77 -7.08 -10.38
C ARG C 18 45.92 -6.08 -11.15
N VAL C 19 45.25 -6.55 -12.18
CA VAL C 19 44.50 -5.68 -13.09
C VAL C 19 43.07 -5.54 -12.56
N THR C 20 42.54 -4.33 -12.64
CA THR C 20 41.19 -4.03 -12.18
C THR C 20 40.51 -3.12 -13.19
N ILE C 21 39.26 -3.44 -13.53
CA ILE C 21 38.49 -2.67 -14.50
C ILE C 21 37.14 -2.32 -13.86
N THR C 22 36.76 -1.05 -13.95
CA THR C 22 35.53 -0.56 -13.34
C THR C 22 34.46 -0.36 -14.40
N CYS C 23 33.23 -0.75 -14.07
CA CYS C 23 32.08 -0.54 -14.93
C CYS C 23 30.97 0.10 -14.11
N ARG C 24 30.45 1.22 -14.58
CA ARG C 24 29.40 1.95 -13.88
C ARG C 24 28.17 2.03 -14.77
N ALA C 25 27.00 1.92 -14.15
CA ALA C 25 25.73 1.94 -14.86
C ALA C 25 25.00 3.25 -14.57
N SER C 26 24.22 3.70 -15.56
CA SER C 26 23.45 4.92 -15.38
C SER C 26 22.47 4.79 -14.23
N GLN C 27 21.79 3.64 -14.13
CA GLN C 27 20.85 3.40 -13.04
C GLN C 27 21.23 2.14 -12.27
N SER C 28 20.36 1.70 -11.37
CA SER C 28 20.67 0.57 -10.50
C SER C 28 20.32 -0.75 -11.17
N ILE C 29 21.28 -1.67 -11.15
CA ILE C 29 21.05 -3.05 -11.55
C ILE C 29 21.48 -3.93 -10.39
N SER C 30 20.62 -4.88 -10.02
CA SER C 30 20.81 -5.59 -8.75
C SER C 30 22.17 -6.26 -8.69
N SER C 31 22.36 -7.31 -9.48
CA SER C 31 23.67 -7.91 -9.67
C SER C 31 23.80 -8.49 -11.06
N TYR C 32 23.02 -7.96 -12.01
CA TYR C 32 22.93 -8.55 -13.33
C TYR C 32 23.91 -7.87 -14.27
N LEU C 33 25.19 -7.88 -13.89
CA LEU C 33 26.27 -7.32 -14.68
C LEU C 33 27.21 -8.45 -15.06
N ASN C 34 27.51 -8.56 -16.36
CA ASN C 34 28.32 -9.66 -16.88
C ASN C 34 29.56 -9.09 -17.55
N TRP C 35 30.66 -9.84 -17.49
CA TRP C 35 31.93 -9.43 -18.04
C TRP C 35 32.36 -10.40 -19.13
N TYR C 36 32.67 -9.85 -20.30
CA TYR C 36 33.08 -10.61 -21.48
C TYR C 36 34.47 -10.19 -21.92
N GLN C 37 35.12 -11.09 -22.66
CA GLN C 37 36.44 -10.86 -23.24
C GLN C 37 36.36 -11.06 -24.74
N GLN C 38 37.18 -10.32 -25.49
CA GLN C 38 37.26 -10.47 -26.93
C GLN C 38 38.68 -10.16 -27.37
N LYS C 39 39.32 -11.13 -28.03
CA LYS C 39 40.60 -10.90 -28.67
C LYS C 39 40.38 -10.21 -30.01
N PRO C 40 41.39 -9.52 -30.53
CA PRO C 40 41.26 -8.89 -31.85
C PRO C 40 40.91 -9.92 -32.91
N GLY C 41 39.83 -9.65 -33.64
CA GLY C 41 39.36 -10.51 -34.71
C GLY C 41 38.53 -11.69 -34.25
N LYS C 42 38.85 -12.26 -33.09
CA LYS C 42 38.12 -13.41 -32.59
C LYS C 42 36.76 -12.98 -32.03
N ALA C 43 35.93 -13.98 -31.75
CA ALA C 43 34.62 -13.75 -31.17
C ALA C 43 34.72 -13.50 -29.67
N PRO C 44 33.74 -12.84 -29.08
CA PRO C 44 33.75 -12.64 -27.62
C PRO C 44 33.62 -13.96 -26.88
N LYS C 45 34.09 -13.96 -25.64
CA LYS C 45 34.06 -15.15 -24.80
C LYS C 45 33.60 -14.77 -23.40
N LEU C 46 32.69 -15.57 -22.85
CA LEU C 46 32.11 -15.27 -21.54
C LEU C 46 33.12 -15.51 -20.43
N LEU C 47 33.23 -14.54 -19.52
CA LEU C 47 34.08 -14.66 -18.35
C LEU C 47 33.28 -14.70 -17.05
N ILE C 48 32.49 -13.67 -16.76
CA ILE C 48 31.77 -13.57 -15.50
C ILE C 48 30.30 -13.27 -15.78
N TYR C 49 29.41 -13.87 -14.98
CA TYR C 49 27.99 -13.57 -15.03
C TYR C 49 27.47 -13.40 -13.62
N ALA C 50 26.34 -12.69 -13.48
CA ALA C 50 25.71 -12.43 -12.19
C ALA C 50 26.70 -11.76 -11.22
N ALA C 51 27.63 -11.02 -11.84
CA ALA C 51 28.52 -10.05 -11.21
C ALA C 51 29.66 -10.60 -10.39
N SER C 52 29.60 -11.86 -9.96
CA SER C 52 30.78 -12.49 -9.36
C SER C 52 30.74 -14.00 -9.57
N SER C 53 30.06 -14.44 -10.62
CA SER C 53 29.91 -15.86 -10.91
C SER C 53 30.86 -16.24 -12.03
N LEU C 54 31.87 -17.04 -11.70
CA LEU C 54 32.84 -17.48 -12.69
C LEU C 54 32.24 -18.57 -13.57
N GLN C 55 32.38 -18.39 -14.88
CA GLN C 55 31.87 -19.38 -15.82
C GLN C 55 32.73 -20.62 -15.83
N SER C 56 32.12 -21.77 -16.13
CA SER C 56 32.88 -23.01 -16.25
C SER C 56 33.93 -22.89 -17.35
N GLY C 57 35.14 -23.31 -17.05
CA GLY C 57 36.22 -23.29 -18.02
C GLY C 57 37.02 -22.02 -18.06
N VAL C 58 36.92 -21.18 -17.05
CA VAL C 58 37.66 -19.90 -16.99
C VAL C 58 38.68 -20.02 -15.88
N PRO C 59 39.89 -19.45 -16.05
CA PRO C 59 40.86 -19.49 -14.96
C PRO C 59 40.33 -18.78 -13.71
N SER C 60 40.76 -19.29 -12.55
CA SER C 60 40.31 -18.72 -11.29
C SER C 60 40.86 -17.31 -11.05
N ARG C 61 41.90 -16.90 -11.77
CA ARG C 61 42.47 -15.58 -11.54
C ARG C 61 41.52 -14.45 -11.87
N PHE C 62 40.43 -14.72 -12.60
CA PHE C 62 39.41 -13.71 -12.88
C PHE C 62 38.35 -13.75 -11.79
N SER C 63 37.94 -12.56 -11.33
CA SER C 63 36.94 -12.47 -10.27
C SER C 63 36.15 -11.18 -10.42
N GLY C 64 34.83 -11.27 -10.33
CA GLY C 64 33.96 -10.12 -10.35
C GLY C 64 33.45 -9.75 -8.96
N SER C 65 33.02 -8.51 -8.84
CA SER C 65 32.50 -7.98 -7.58
C SER C 65 31.70 -6.72 -7.88
N GLY C 66 31.03 -6.21 -6.86
CA GLY C 66 30.27 -4.99 -6.99
C GLY C 66 28.78 -5.27 -7.12
N SER C 67 27.97 -4.33 -6.61
CA SER C 67 26.53 -4.44 -6.66
C SER C 67 25.92 -3.05 -6.79
N GLY C 68 24.82 -2.96 -7.51
CA GLY C 68 24.14 -1.69 -7.70
C GLY C 68 24.53 -1.03 -9.01
N THR C 69 25.48 -0.10 -8.95
CA THR C 69 25.95 0.61 -10.13
C THR C 69 27.43 0.41 -10.40
N ASP C 70 28.26 0.35 -9.36
CA ASP C 70 29.71 0.23 -9.51
C ASP C 70 30.09 -1.24 -9.41
N PHE C 71 30.61 -1.79 -10.50
CA PHE C 71 31.08 -3.17 -10.57
C PHE C 71 32.56 -3.19 -10.92
N THR C 72 33.25 -4.23 -10.46
CA THR C 72 34.69 -4.34 -10.64
C THR C 72 35.04 -5.74 -11.12
N LEU C 73 35.99 -5.81 -12.05
CA LEU C 73 36.54 -7.07 -12.53
C LEU C 73 38.04 -7.08 -12.26
N THR C 74 38.53 -8.14 -11.63
CA THR C 74 39.91 -8.20 -11.16
C THR C 74 40.60 -9.46 -11.67
N ILE C 75 41.79 -9.28 -12.22
CA ILE C 75 42.71 -10.36 -12.52
C ILE C 75 43.82 -10.28 -11.48
N SER C 76 43.90 -11.31 -10.64
CA SER C 76 44.88 -11.30 -9.54
C SER C 76 46.29 -11.24 -10.10
N SER C 77 46.62 -12.12 -11.05
CA SER C 77 47.93 -12.15 -11.69
C SER C 77 47.72 -12.23 -13.19
N LEU C 78 48.12 -11.19 -13.90
CA LEU C 78 47.94 -11.14 -15.34
C LEU C 78 48.78 -12.20 -16.02
N GLN C 79 48.30 -12.69 -17.16
CA GLN C 79 48.99 -13.69 -17.95
C GLN C 79 49.04 -13.25 -19.41
N PRO C 80 50.01 -13.76 -20.18
CA PRO C 80 50.15 -13.29 -21.57
C PRO C 80 48.90 -13.49 -22.41
N GLU C 81 48.15 -14.57 -22.18
CA GLU C 81 46.96 -14.86 -22.96
C GLU C 81 45.74 -14.07 -22.49
N ASP C 82 45.94 -13.03 -21.68
CA ASP C 82 44.84 -12.23 -21.16
C ASP C 82 44.80 -10.83 -21.77
N PHE C 83 45.65 -10.53 -22.75
CA PHE C 83 45.68 -9.21 -23.37
C PHE C 83 44.59 -9.17 -24.44
N ALA C 84 43.48 -8.52 -24.11
CA ALA C 84 42.33 -8.43 -25.00
C ALA C 84 41.47 -7.28 -24.53
N THR C 85 40.33 -7.11 -25.20
CA THR C 85 39.39 -6.06 -24.84
C THR C 85 38.26 -6.68 -24.03
N TYR C 86 38.04 -6.15 -22.82
CA TYR C 86 37.03 -6.65 -21.91
C TYR C 86 35.85 -5.70 -21.90
N TYR C 87 34.66 -6.25 -22.09
CA TYR C 87 33.41 -5.49 -22.08
C TYR C 87 32.60 -5.85 -20.84
N CYS C 88 31.79 -4.89 -20.39
CA CYS C 88 30.80 -5.12 -19.34
C CYS C 88 29.41 -4.87 -19.92
N GLN C 89 28.49 -5.77 -19.61
CA GLN C 89 27.16 -5.77 -20.21
C GLN C 89 26.13 -5.94 -19.11
N GLN C 90 25.19 -5.00 -19.05
CA GLN C 90 24.07 -5.10 -18.11
C GLN C 90 22.94 -5.91 -18.72
N SER C 91 22.12 -6.50 -17.85
CA SER C 91 20.97 -7.29 -18.26
C SER C 91 19.68 -6.87 -17.59
N TYR C 92 19.72 -6.05 -16.54
CA TYR C 92 18.52 -5.74 -15.79
C TYR C 92 17.40 -5.26 -16.71
N SER C 93 17.75 -4.44 -17.70
CA SER C 93 16.78 -4.04 -18.73
C SER C 93 16.74 -5.17 -19.74
N THR C 94 15.92 -6.18 -19.43
CA THR C 94 16.00 -7.46 -20.13
C THR C 94 15.90 -7.30 -21.64
N LEU C 95 14.87 -6.62 -22.12
CA LEU C 95 14.66 -6.42 -23.54
C LEU C 95 15.37 -5.16 -24.06
N ALA C 96 16.26 -4.57 -23.26
CA ALA C 96 17.07 -3.44 -23.70
C ALA C 96 18.52 -3.67 -23.32
N LEU C 97 19.07 -4.80 -23.75
CA LEU C 97 20.44 -5.17 -23.41
C LEU C 97 21.42 -4.13 -23.96
N THR C 98 22.28 -3.61 -23.08
CA THR C 98 23.27 -2.61 -23.43
C THR C 98 24.65 -3.06 -22.99
N PHE C 99 25.65 -2.67 -23.77
CA PHE C 99 27.05 -2.99 -23.49
C PHE C 99 27.84 -1.73 -23.17
N GLY C 100 28.97 -1.91 -22.50
CA GLY C 100 29.86 -0.83 -22.19
C GLY C 100 30.77 -0.50 -23.36
N GLY C 101 31.65 0.49 -23.13
CA GLY C 101 32.58 0.88 -24.16
C GLY C 101 33.74 -0.07 -24.33
N GLY C 102 34.11 -0.78 -23.28
CA GLY C 102 35.20 -1.72 -23.32
C GLY C 102 36.48 -1.12 -22.77
N THR C 103 37.39 -2.01 -22.37
CA THR C 103 38.69 -1.61 -21.82
C THR C 103 39.75 -2.55 -22.39
N LYS C 104 40.41 -2.09 -23.46
CA LYS C 104 41.47 -2.87 -24.07
C LYS C 104 42.71 -2.87 -23.17
N VAL C 105 43.14 -4.05 -22.76
CA VAL C 105 44.33 -4.21 -21.93
C VAL C 105 45.51 -4.46 -22.86
N GLU C 106 46.35 -3.45 -23.01
CA GLU C 106 47.49 -3.52 -23.92
C GLU C 106 48.74 -3.98 -23.17
N ILE C 107 49.68 -4.50 -23.94
CA ILE C 107 50.97 -4.89 -23.41
C ILE C 107 51.73 -3.61 -23.11
N LYS C 108 51.73 -3.22 -21.84
CA LYS C 108 52.34 -1.97 -21.46
C LYS C 108 53.78 -1.96 -21.90
N ARG C 109 54.14 -0.96 -22.70
CA ARG C 109 55.50 -0.83 -23.18
C ARG C 109 55.91 0.64 -23.07
N THR C 110 57.18 0.90 -23.36
CA THR C 110 57.67 2.25 -23.34
C THR C 110 57.10 3.05 -24.50
N VAL C 111 57.03 4.37 -24.32
CA VAL C 111 56.45 5.26 -25.31
C VAL C 111 57.33 5.26 -26.55
N ALA C 112 56.74 4.99 -27.71
CA ALA C 112 57.46 4.92 -28.97
C ALA C 112 57.09 6.11 -29.84
N ALA C 113 58.10 6.79 -30.36
CA ALA C 113 57.89 7.95 -31.22
C ALA C 113 57.51 7.49 -32.62
N PRO C 114 56.39 7.95 -33.17
CA PRO C 114 56.01 7.54 -34.53
C PRO C 114 56.99 8.06 -35.57
N SER C 115 57.12 7.32 -36.65
CA SER C 115 57.84 7.78 -37.84
C SER C 115 56.80 8.27 -38.84
N VAL C 116 56.93 9.52 -39.27
CA VAL C 116 55.93 10.15 -40.12
C VAL C 116 56.47 10.25 -41.55
N PHE C 117 55.70 9.75 -42.50
CA PHE C 117 56.04 9.82 -43.92
C PHE C 117 54.83 10.31 -44.70
N ILE C 118 55.04 11.28 -45.59
CA ILE C 118 53.97 11.83 -46.41
C ILE C 118 54.25 11.47 -47.86
N PHE C 119 53.26 10.84 -48.51
CA PHE C 119 53.36 10.40 -49.88
C PHE C 119 52.37 11.20 -50.75
N PRO C 120 52.85 11.88 -51.79
CA PRO C 120 51.96 12.61 -52.67
C PRO C 120 51.19 11.67 -53.59
N PRO C 121 50.15 12.16 -54.26
CA PRO C 121 49.43 11.30 -55.21
C PRO C 121 50.31 10.91 -56.37
N SER C 122 50.15 9.66 -56.84
CA SER C 122 50.92 9.18 -57.97
C SER C 122 50.42 9.80 -59.26
N ASP C 123 51.35 9.93 -60.22
CA ASP C 123 50.98 10.47 -61.53
C ASP C 123 49.97 9.58 -62.23
N GLU C 124 50.10 8.26 -62.09
CA GLU C 124 49.13 7.35 -62.69
C GLU C 124 47.74 7.58 -62.12
N GLN C 125 47.64 7.84 -60.81
CA GLN C 125 46.33 8.17 -60.21
C GLN C 125 45.83 9.51 -60.73
N LEU C 126 46.71 10.51 -60.81
CA LEU C 126 46.33 11.81 -61.33
C LEU C 126 45.79 11.71 -62.76
N LYS C 127 46.25 10.73 -63.54
CA LYS C 127 45.66 10.52 -64.86
C LYS C 127 44.21 10.11 -64.76
N SER C 128 43.85 9.27 -63.78
CA SER C 128 42.47 8.84 -63.65
C SER C 128 41.55 10.00 -63.30
N GLY C 129 41.99 10.88 -62.41
CA GLY C 129 41.18 12.02 -62.01
C GLY C 129 41.18 12.28 -60.53
N THR C 130 41.37 11.23 -59.73
CA THR C 130 41.40 11.36 -58.28
C THR C 130 42.84 11.61 -57.81
N ALA C 131 42.94 12.10 -56.57
CA ALA C 131 44.23 12.35 -55.94
C ALA C 131 44.15 11.93 -54.48
N SER C 132 45.16 11.18 -54.05
CA SER C 132 45.24 10.70 -52.67
C SER C 132 46.59 11.10 -52.09
N VAL C 133 46.56 11.72 -50.92
CA VAL C 133 47.76 12.06 -50.15
C VAL C 133 47.78 11.16 -48.93
N VAL C 134 48.87 10.41 -48.75
CA VAL C 134 48.92 9.37 -47.73
C VAL C 134 49.89 9.79 -46.64
N CYS C 135 49.40 9.88 -45.41
CA CYS C 135 50.25 10.17 -44.26
C CYS C 135 50.35 8.93 -43.40
N LEU C 136 51.59 8.47 -43.18
CA LEU C 136 51.86 7.22 -42.48
C LEU C 136 52.56 7.53 -41.17
N LEU C 137 51.96 7.10 -40.06
CA LEU C 137 52.58 7.10 -38.75
C LEU C 137 52.93 5.66 -38.41
N ASN C 138 54.20 5.40 -38.12
CA ASN C 138 54.71 4.04 -38.01
C ASN C 138 55.28 3.80 -36.61
N ASN C 139 54.95 2.64 -36.04
CA ASN C 139 55.62 2.12 -34.86
C ASN C 139 55.61 3.15 -33.73
N PHE C 140 54.42 3.42 -33.19
CA PHE C 140 54.25 4.30 -32.05
C PHE C 140 53.42 3.60 -30.99
N TYR C 141 53.31 4.24 -29.83
CA TYR C 141 52.55 3.68 -28.72
C TYR C 141 52.31 4.78 -27.69
N PRO C 142 51.07 4.94 -27.19
CA PRO C 142 49.86 4.19 -27.51
C PRO C 142 49.25 4.58 -28.86
N ARG C 143 48.08 4.01 -29.18
CA ARG C 143 47.42 4.35 -30.44
C ARG C 143 46.87 5.77 -30.46
N GLU C 144 46.79 6.43 -29.30
CA GLU C 144 46.27 7.79 -29.24
C GLU C 144 47.20 8.77 -29.94
N ALA C 145 46.95 9.04 -31.21
CA ALA C 145 47.79 9.95 -32.00
C ALA C 145 46.90 10.77 -32.91
N LYS C 146 47.02 12.09 -32.82
CA LYS C 146 46.21 12.99 -33.63
C LYS C 146 46.93 13.29 -34.95
N VAL C 147 46.21 13.08 -36.05
CA VAL C 147 46.68 13.40 -37.40
C VAL C 147 45.83 14.52 -37.94
N GLN C 148 46.46 15.65 -38.28
CA GLN C 148 45.76 16.82 -38.78
C GLN C 148 46.28 17.12 -40.18
N TRP C 149 45.37 17.37 -41.11
CA TRP C 149 45.72 17.73 -42.48
C TRP C 149 45.65 19.25 -42.63
N LYS C 150 46.70 19.83 -43.21
CA LYS C 150 46.74 21.26 -43.50
C LYS C 150 47.00 21.45 -44.99
N VAL C 151 46.20 22.29 -45.62
CA VAL C 151 46.36 22.65 -47.02
C VAL C 151 46.45 24.17 -47.09
N ASP C 152 47.61 24.68 -47.49
CA ASP C 152 47.88 26.12 -47.51
C ASP C 152 47.64 26.72 -46.12
N ASN C 153 48.08 26.01 -45.08
CA ASN C 153 47.91 26.41 -43.69
C ASN C 153 46.45 26.46 -43.28
N ALA C 154 45.57 25.78 -44.01
CA ALA C 154 44.16 25.71 -43.69
C ALA C 154 43.84 24.31 -43.17
N LEU C 155 43.23 24.24 -42.00
CA LEU C 155 42.90 22.95 -41.41
C LEU C 155 41.83 22.25 -42.24
N GLN C 156 41.99 20.93 -42.39
CA GLN C 156 41.09 20.11 -43.19
C GLN C 156 40.45 19.05 -42.31
N SER C 157 39.13 18.95 -42.40
CA SER C 157 38.37 17.95 -41.65
C SER C 157 37.27 17.40 -42.54
N GLY C 158 37.10 16.07 -42.52
CA GLY C 158 36.10 15.41 -43.31
C GLY C 158 36.57 14.97 -44.68
N ASN C 159 37.76 15.39 -45.11
CA ASN C 159 38.26 15.03 -46.43
C ASN C 159 38.97 13.68 -46.44
N SER C 160 39.44 13.21 -45.28
CA SER C 160 40.26 12.02 -45.19
C SER C 160 39.61 10.99 -44.27
N GLN C 161 40.26 9.84 -44.14
CA GLN C 161 39.83 8.77 -43.25
C GLN C 161 41.05 7.94 -42.88
N GLU C 162 41.11 7.50 -41.63
CA GLU C 162 42.28 6.82 -41.10
C GLU C 162 42.05 5.31 -41.05
N SER C 163 43.14 4.59 -40.81
CA SER C 163 43.11 3.14 -40.68
C SER C 163 44.30 2.72 -39.82
N VAL C 164 44.04 1.95 -38.78
CA VAL C 164 45.04 1.60 -37.78
C VAL C 164 45.16 0.09 -37.70
N THR C 165 46.40 -0.38 -37.55
CA THR C 165 46.66 -1.80 -37.36
C THR C 165 46.60 -2.16 -35.87
N GLU C 166 46.30 -3.43 -35.61
CA GLU C 166 46.31 -3.94 -34.25
C GLU C 166 47.70 -3.79 -33.65
N GLN C 167 47.78 -4.00 -32.33
CA GLN C 167 49.07 -3.92 -31.66
C GLN C 167 50.01 -5.00 -32.21
N ASP C 168 51.22 -4.60 -32.55
CA ASP C 168 52.13 -5.49 -33.25
C ASP C 168 52.57 -6.65 -32.38
N SER C 169 52.75 -7.82 -33.00
CA SER C 169 53.20 -9.00 -32.28
C SER C 169 54.68 -8.95 -31.92
N LYS C 170 55.47 -8.10 -32.58
CA LYS C 170 56.91 -8.05 -32.35
C LYS C 170 57.28 -6.99 -31.32
N ASP C 171 56.90 -5.73 -31.55
CA ASP C 171 57.26 -4.63 -30.67
C ASP C 171 56.04 -3.97 -30.02
N SER C 172 54.84 -4.48 -30.27
CA SER C 172 53.63 -3.98 -29.64
C SER C 172 53.42 -2.49 -29.92
N THR C 173 53.60 -2.12 -31.18
CA THR C 173 53.44 -0.74 -31.63
C THR C 173 52.36 -0.67 -32.71
N TYR C 174 51.76 0.50 -32.86
CA TYR C 174 50.68 0.71 -33.81
C TYR C 174 51.14 1.50 -35.03
N SER C 175 50.31 1.48 -36.06
CA SER C 175 50.56 2.26 -37.27
C SER C 175 49.23 2.81 -37.76
N LEU C 176 49.30 3.97 -38.41
CA LEU C 176 48.13 4.67 -38.90
C LEU C 176 48.39 5.20 -40.30
N SER C 177 47.38 5.11 -41.16
CA SER C 177 47.47 5.57 -42.55
C SER C 177 46.28 6.48 -42.83
N SER C 178 46.52 7.79 -42.83
CA SER C 178 45.48 8.77 -43.16
C SER C 178 45.51 9.01 -44.66
N THR C 179 44.35 8.85 -45.31
CA THR C 179 44.24 8.98 -46.75
C THR C 179 43.38 10.20 -47.06
N LEU C 180 44.02 11.28 -47.49
CA LEU C 180 43.33 12.51 -47.90
C LEU C 180 42.95 12.36 -49.37
N THR C 181 41.66 12.21 -49.63
CA THR C 181 41.15 11.94 -50.98
C THR C 181 40.45 13.18 -51.51
N LEU C 182 40.75 13.55 -52.75
CA LEU C 182 40.08 14.68 -53.38
C LEU C 182 40.19 14.55 -54.89
N SER C 183 39.59 15.50 -55.60
CA SER C 183 39.60 15.48 -57.06
C SER C 183 40.85 16.17 -57.58
N LYS C 184 41.03 16.13 -58.91
CA LYS C 184 42.17 16.79 -59.51
C LYS C 184 42.04 18.31 -59.43
N ALA C 185 40.83 18.84 -59.68
CA ALA C 185 40.64 20.28 -59.65
C ALA C 185 40.97 20.84 -58.26
N ASP C 186 40.51 20.15 -57.21
CA ASP C 186 40.82 20.58 -55.85
C ASP C 186 42.29 20.37 -55.49
N TYR C 187 43.03 19.59 -56.29
CA TYR C 187 44.44 19.36 -56.01
C TYR C 187 45.34 20.46 -56.54
N GLU C 188 45.07 20.96 -57.76
CA GLU C 188 45.87 22.05 -58.28
C GLU C 188 45.48 23.40 -57.68
N LYS C 189 44.29 23.51 -57.09
CA LYS C 189 43.89 24.77 -56.49
C LYS C 189 44.77 25.15 -55.30
N HIS C 190 45.49 24.19 -54.73
CA HIS C 190 46.33 24.41 -53.57
C HIS C 190 47.74 23.91 -53.85
N LYS C 191 48.69 24.42 -53.08
CA LYS C 191 50.10 24.12 -53.25
C LYS C 191 50.67 23.31 -52.09
N VAL C 192 50.47 23.77 -50.85
CA VAL C 192 51.08 23.14 -49.69
C VAL C 192 50.17 22.05 -49.16
N TYR C 193 50.73 20.86 -48.95
CA TYR C 193 50.02 19.75 -48.32
C TYR C 193 50.88 19.24 -47.18
N ALA C 194 50.41 19.40 -45.95
CA ALA C 194 51.14 19.01 -44.75
C ALA C 194 50.35 17.97 -43.96
N CYS C 195 51.05 17.35 -43.01
CA CYS C 195 50.44 16.36 -42.11
C CYS C 195 51.03 16.59 -40.72
N GLU C 196 50.32 17.37 -39.91
CA GLU C 196 50.73 17.59 -38.54
C GLU C 196 50.39 16.36 -37.71
N VAL C 197 51.32 15.96 -36.85
CA VAL C 197 51.17 14.75 -36.04
C VAL C 197 51.44 15.12 -34.59
N THR C 198 50.52 14.76 -33.70
CA THR C 198 50.68 14.97 -32.27
C THR C 198 50.57 13.62 -31.57
N HIS C 199 51.58 13.28 -30.78
CA HIS C 199 51.61 12.01 -30.07
C HIS C 199 52.19 12.23 -28.68
N GLN C 200 51.83 11.34 -27.75
CA GLN C 200 52.31 11.47 -26.38
C GLN C 200 53.83 11.44 -26.31
N GLY C 201 54.47 10.73 -27.22
CA GLY C 201 55.91 10.60 -27.24
C GLY C 201 56.64 11.71 -27.96
N LEU C 202 55.93 12.77 -28.37
CA LEU C 202 56.54 13.90 -29.07
C LEU C 202 56.59 15.10 -28.14
N SER C 203 57.79 15.64 -27.93
CA SER C 203 57.94 16.86 -27.15
C SER C 203 57.23 18.03 -27.79
N SER C 204 57.02 18.01 -29.10
CA SER C 204 56.32 19.06 -29.81
C SER C 204 55.73 18.47 -31.08
N PRO C 205 54.65 19.05 -31.62
CA PRO C 205 54.05 18.50 -32.83
C PRO C 205 55.04 18.49 -33.99
N VAL C 206 54.95 17.44 -34.81
CA VAL C 206 55.83 17.25 -35.95
C VAL C 206 55.00 17.36 -37.23
N THR C 207 55.55 18.06 -38.22
CA THR C 207 54.85 18.30 -39.48
C THR C 207 55.72 17.83 -40.64
N LYS C 208 55.11 17.06 -41.55
CA LYS C 208 55.75 16.63 -42.79
C LYS C 208 54.93 17.17 -43.96
N SER C 209 55.53 18.04 -44.76
CA SER C 209 54.82 18.75 -45.81
C SER C 209 55.61 18.71 -47.11
N PHE C 210 54.92 19.04 -48.20
CA PHE C 210 55.54 19.09 -49.52
C PHE C 210 54.73 20.05 -50.39
N ASN C 211 55.42 20.74 -51.30
CA ASN C 211 54.77 21.61 -52.26
C ASN C 211 54.43 20.82 -53.53
N ARG C 212 53.26 21.08 -54.08
CA ARG C 212 52.80 20.33 -55.23
C ARG C 212 53.73 20.53 -56.43
N GLY C 213 54.13 19.42 -57.04
CA GLY C 213 54.91 19.47 -58.27
C GLY C 213 56.26 20.13 -58.14
N GLU C 214 57.00 19.82 -57.09
CA GLU C 214 58.35 20.36 -56.91
C GLU C 214 59.39 19.29 -56.60
N THR D 1 -26.66 -11.58 -12.00
CA THR D 1 -25.66 -12.46 -12.58
C THR D 1 -24.26 -12.06 -12.14
N ASN D 2 -23.97 -10.76 -12.23
CA ASN D 2 -22.65 -10.24 -11.87
C ASN D 2 -22.60 -9.89 -10.38
N LEU D 3 -22.87 -10.90 -9.56
CA LEU D 3 -22.81 -10.74 -8.12
C LEU D 3 -21.36 -10.68 -7.66
N CYS D 4 -21.10 -9.83 -6.67
CA CYS D 4 -19.74 -9.66 -6.19
C CYS D 4 -19.21 -10.98 -5.61
N PRO D 5 -17.94 -11.30 -5.84
CA PRO D 5 -17.41 -12.62 -5.44
C PRO D 5 -17.00 -12.66 -3.97
N PHE D 6 -17.96 -12.41 -3.08
CA PHE D 6 -17.70 -12.55 -1.65
C PHE D 6 -17.52 -14.00 -1.24
N GLY D 7 -18.09 -14.94 -1.99
CA GLY D 7 -18.01 -16.34 -1.60
C GLY D 7 -16.58 -16.86 -1.57
N GLU D 8 -15.80 -16.53 -2.60
CA GLU D 8 -14.42 -17.02 -2.68
C GLU D 8 -13.50 -16.33 -1.68
N VAL D 9 -13.96 -15.27 -1.02
CA VAL D 9 -13.17 -14.62 0.03
C VAL D 9 -13.45 -15.25 1.38
N PHE D 10 -14.74 -15.44 1.72
CA PHE D 10 -15.09 -16.04 3.01
C PHE D 10 -14.92 -17.55 2.98
N ASN D 11 -15.43 -18.21 1.94
CA ASN D 11 -15.32 -19.66 1.81
C ASN D 11 -14.04 -20.09 1.12
N ALA D 12 -12.99 -19.27 1.16
CA ALA D 12 -11.72 -19.66 0.58
C ALA D 12 -11.20 -20.92 1.26
N THR D 13 -10.65 -21.84 0.46
CA THR D 13 -10.15 -23.09 1.01
C THR D 13 -9.04 -22.86 2.02
N ARG D 14 -8.12 -21.95 1.70
CA ARG D 14 -7.02 -21.63 2.59
C ARG D 14 -6.80 -20.12 2.59
N PHE D 15 -6.30 -19.62 3.71
CA PHE D 15 -6.08 -18.19 3.92
C PHE D 15 -4.60 -17.90 4.04
N ALA D 16 -4.30 -16.61 4.17
CA ALA D 16 -2.94 -16.11 4.24
C ALA D 16 -2.61 -15.64 5.66
N SER D 17 -1.33 -15.36 5.87
CA SER D 17 -0.88 -14.89 7.17
C SER D 17 -1.13 -13.40 7.32
N VAL D 18 -1.18 -12.95 8.58
CA VAL D 18 -1.53 -11.57 8.86
C VAL D 18 -0.47 -10.61 8.34
N TYR D 19 0.81 -10.96 8.49
CA TYR D 19 1.85 -10.09 7.94
C TYR D 19 1.78 -10.06 6.41
N ALA D 20 1.49 -11.20 5.79
CA ALA D 20 1.25 -11.25 4.35
C ALA D 20 -0.25 -11.25 4.08
N TRP D 21 -0.94 -10.20 4.51
CA TRP D 21 -2.40 -10.20 4.40
C TRP D 21 -2.83 -10.09 2.96
N ASN D 22 -3.81 -10.91 2.58
CA ASN D 22 -4.30 -10.93 1.21
C ASN D 22 -5.31 -9.81 1.01
N ARG D 23 -5.30 -9.23 -0.18
CA ARG D 23 -6.26 -8.18 -0.55
C ARG D 23 -6.95 -8.57 -1.85
N LYS D 24 -8.27 -8.44 -1.86
CA LYS D 24 -9.08 -8.62 -3.07
C LYS D 24 -9.84 -7.33 -3.32
N ARG D 25 -10.04 -7.00 -4.59
CA ARG D 25 -10.70 -5.77 -4.99
C ARG D 25 -12.07 -6.10 -5.57
N ILE D 26 -13.09 -5.41 -5.07
CA ILE D 26 -14.47 -5.61 -5.49
C ILE D 26 -14.88 -4.34 -6.25
N SER D 27 -15.15 -4.52 -7.55
CA SER D 27 -15.59 -3.45 -8.43
C SER D 27 -16.37 -4.06 -9.59
N ASN D 28 -17.39 -3.34 -10.05
CA ASN D 28 -18.22 -3.76 -11.18
C ASN D 28 -18.97 -5.05 -10.85
N CYS D 29 -19.82 -4.96 -9.83
CA CYS D 29 -20.61 -6.11 -9.40
C CYS D 29 -21.66 -5.62 -8.41
N VAL D 30 -22.86 -6.20 -8.50
CA VAL D 30 -23.91 -5.91 -7.54
C VAL D 30 -23.54 -6.54 -6.20
N ALA D 31 -23.53 -5.74 -5.15
CA ALA D 31 -23.09 -6.20 -3.83
C ALA D 31 -24.28 -6.76 -3.07
N ASP D 32 -24.36 -8.08 -3.00
CA ASP D 32 -25.38 -8.77 -2.20
C ASP D 32 -24.77 -9.05 -0.83
N TYR D 33 -25.20 -8.29 0.17
CA TYR D 33 -24.72 -8.43 1.54
C TYR D 33 -25.54 -9.43 2.35
N SER D 34 -26.46 -10.14 1.70
CA SER D 34 -27.31 -11.10 2.41
C SER D 34 -26.52 -12.26 2.99
N VAL D 35 -25.28 -12.49 2.55
CA VAL D 35 -24.50 -13.59 3.09
C VAL D 35 -24.00 -13.30 4.49
N LEU D 36 -23.77 -12.03 4.82
CA LEU D 36 -23.39 -11.66 6.19
C LEU D 36 -24.57 -11.72 7.14
N TYR D 37 -25.78 -11.46 6.65
CA TYR D 37 -26.95 -11.44 7.52
C TYR D 37 -27.39 -12.85 7.87
N ASN D 38 -27.53 -13.71 6.86
CA ASN D 38 -28.02 -15.07 7.10
C ASN D 38 -27.02 -15.89 7.90
N SER D 39 -25.72 -15.75 7.60
CA SER D 39 -24.70 -16.54 8.27
C SER D 39 -24.53 -16.11 9.72
N ALA D 40 -25.15 -16.83 10.64
CA ALA D 40 -25.02 -16.57 12.06
C ALA D 40 -23.79 -17.23 12.68
N SER D 41 -22.91 -17.81 11.86
CA SER D 41 -21.71 -18.48 12.34
C SER D 41 -20.57 -17.53 12.63
N PHE D 42 -20.84 -16.23 12.77
CA PHE D 42 -19.81 -15.24 12.99
C PHE D 42 -19.71 -14.89 14.47
N SER D 43 -18.48 -14.87 14.99
CA SER D 43 -18.24 -14.56 16.38
C SER D 43 -18.17 -13.06 16.64
N THR D 44 -17.34 -12.35 15.87
CA THR D 44 -17.16 -10.92 16.04
C THR D 44 -17.56 -10.21 14.75
N PHE D 45 -18.36 -9.16 14.88
CA PHE D 45 -18.93 -8.41 13.75
C PHE D 45 -19.06 -6.96 14.19
N LYS D 46 -18.06 -6.14 13.85
CA LYS D 46 -18.07 -4.75 14.26
C LYS D 46 -17.78 -3.85 13.06
N CYS D 47 -18.67 -2.90 12.80
CA CYS D 47 -18.49 -1.94 11.72
C CYS D 47 -18.22 -0.56 12.30
N TYR D 48 -17.40 0.20 11.58
CA TYR D 48 -17.01 1.55 11.97
C TYR D 48 -17.26 2.50 10.83
N GLY D 49 -17.80 3.68 11.15
CA GLY D 49 -18.09 4.70 10.17
C GLY D 49 -19.34 4.50 9.35
N VAL D 50 -19.80 3.26 9.20
CA VAL D 50 -20.98 2.96 8.39
C VAL D 50 -21.79 1.92 9.14
N SER D 51 -23.06 1.80 8.75
CA SER D 51 -23.95 0.81 9.34
C SER D 51 -24.23 -0.31 8.35
N PRO D 52 -24.47 -1.53 8.82
CA PRO D 52 -24.71 -2.63 7.88
C PRO D 52 -26.11 -2.62 7.28
N THR D 53 -27.12 -2.22 8.04
CA THR D 53 -28.49 -2.23 7.50
C THR D 53 -28.61 -1.26 6.33
N LYS D 54 -28.14 -0.02 6.51
CA LYS D 54 -28.15 0.97 5.43
C LYS D 54 -26.91 0.86 4.57
N LEU D 55 -26.60 -0.34 4.11
CA LEU D 55 -25.46 -0.60 3.25
C LEU D 55 -25.84 -1.33 1.97
N ASN D 56 -26.97 -2.04 1.96
CA ASN D 56 -27.47 -2.67 0.74
C ASN D 56 -28.15 -1.67 -0.18
N ASP D 57 -28.30 -0.41 0.24
CA ASP D 57 -28.88 0.62 -0.59
C ASP D 57 -27.93 1.80 -0.71
N LEU D 58 -26.65 1.52 -0.85
CA LEU D 58 -25.63 2.57 -0.94
C LEU D 58 -24.50 2.08 -1.84
N CYS D 59 -24.11 2.92 -2.79
CA CYS D 59 -23.09 2.57 -3.77
C CYS D 59 -21.71 3.00 -3.29
N PHE D 60 -20.68 2.47 -3.94
CA PHE D 60 -19.30 2.82 -3.64
C PHE D 60 -18.46 2.70 -4.89
N THR D 61 -17.42 3.53 -4.97
CA THR D 61 -16.49 3.43 -6.10
C THR D 61 -15.76 2.10 -6.09
N ASN D 62 -15.29 1.67 -4.92
CA ASN D 62 -14.57 0.41 -4.80
C ASN D 62 -14.70 -0.12 -3.38
N VAL D 63 -14.59 -1.46 -3.26
CA VAL D 63 -14.55 -2.13 -1.97
C VAL D 63 -13.29 -2.98 -1.93
N TYR D 64 -12.66 -3.06 -0.75
CA TYR D 64 -11.50 -3.89 -0.54
C TYR D 64 -11.81 -4.95 0.50
N ALA D 65 -11.57 -6.21 0.15
CA ALA D 65 -11.76 -7.35 1.05
C ALA D 65 -10.37 -7.86 1.42
N ASP D 66 -9.89 -7.47 2.60
CA ASP D 66 -8.65 -7.97 3.16
C ASP D 66 -8.95 -9.23 3.97
N SER D 67 -8.07 -10.22 3.86
CA SER D 67 -8.27 -11.48 4.55
C SER D 67 -6.96 -11.93 5.19
N PHE D 68 -7.07 -12.42 6.42
CA PHE D 68 -5.92 -13.01 7.11
C PHE D 68 -6.43 -13.83 8.30
N VAL D 69 -5.50 -14.30 9.13
CA VAL D 69 -5.82 -15.16 10.26
C VAL D 69 -4.96 -14.75 11.45
N ILE D 70 -5.60 -14.65 12.63
CA ILE D 70 -4.92 -14.33 13.88
C ILE D 70 -5.54 -15.20 14.98
N ARG D 71 -5.11 -15.00 16.22
CA ARG D 71 -5.74 -15.68 17.34
C ARG D 71 -6.75 -14.76 18.03
N GLY D 72 -7.61 -15.37 18.85
CA GLY D 72 -8.73 -14.63 19.41
C GLY D 72 -8.30 -13.43 20.23
N ASP D 73 -7.20 -13.57 20.99
CA ASP D 73 -6.73 -12.48 21.82
C ASP D 73 -6.35 -11.26 21.01
N GLU D 74 -6.14 -11.41 19.71
CA GLU D 74 -5.73 -10.31 18.85
C GLU D 74 -6.86 -9.76 17.99
N VAL D 75 -8.02 -10.42 17.96
CA VAL D 75 -9.12 -9.94 17.13
C VAL D 75 -9.53 -8.54 17.57
N ARG D 76 -9.50 -8.26 18.88
CA ARG D 76 -9.82 -6.93 19.37
C ARG D 76 -8.88 -5.87 18.82
N GLN D 77 -7.69 -6.26 18.37
CA GLN D 77 -6.74 -5.31 17.82
C GLN D 77 -7.06 -4.93 16.38
N ILE D 78 -8.02 -5.61 15.75
CA ILE D 78 -8.43 -5.29 14.39
C ILE D 78 -9.50 -4.21 14.44
N ALA D 79 -9.08 -2.96 14.64
CA ALA D 79 -10.01 -1.85 14.76
C ALA D 79 -9.20 -0.57 14.85
N PRO D 80 -9.80 0.59 14.58
CA PRO D 80 -9.05 1.84 14.67
C PRO D 80 -8.58 2.14 16.08
N GLY D 81 -7.45 2.82 16.17
CA GLY D 81 -6.93 3.24 17.47
C GLY D 81 -6.45 2.13 18.36
N GLN D 82 -6.09 0.98 17.79
CA GLN D 82 -5.63 -0.16 18.57
C GLN D 82 -4.11 -0.26 18.51
N THR D 83 -3.53 -0.83 19.56
CA THR D 83 -2.10 -1.05 19.64
C THR D 83 -1.82 -2.51 20.01
N GLY D 84 -0.66 -2.98 19.60
CA GLY D 84 -0.28 -4.36 19.82
C GLY D 84 0.58 -4.89 18.70
N LYS D 85 0.98 -6.16 18.78
CA LYS D 85 1.81 -6.75 17.73
C LYS D 85 1.10 -6.72 16.39
N ILE D 86 -0.14 -7.21 16.34
CA ILE D 86 -0.89 -7.25 15.09
C ILE D 86 -1.15 -5.84 14.58
N ALA D 87 -1.61 -4.95 15.46
CA ALA D 87 -1.96 -3.61 15.04
C ALA D 87 -0.73 -2.84 14.55
N ASP D 88 0.41 -3.02 15.22
CA ASP D 88 1.57 -2.19 14.94
C ASP D 88 2.49 -2.76 13.86
N TYR D 89 2.51 -4.07 13.66
CA TYR D 89 3.53 -4.71 12.84
C TYR D 89 3.00 -5.50 11.65
N ASN D 90 1.71 -5.83 11.61
CA ASN D 90 1.21 -6.71 10.56
C ASN D 90 0.05 -6.09 9.78
N TYR D 91 -0.95 -5.58 10.50
CA TYR D 91 -2.14 -5.01 9.86
C TYR D 91 -2.66 -3.88 10.73
N LYS D 92 -2.72 -2.68 10.16
CA LYS D 92 -3.19 -1.50 10.86
C LYS D 92 -4.32 -0.85 10.07
N LEU D 93 -5.37 -0.42 10.76
CA LEU D 93 -6.44 0.32 10.12
C LEU D 93 -6.37 1.79 10.52
N PRO D 94 -6.73 2.71 9.62
CA PRO D 94 -6.63 4.13 9.94
C PRO D 94 -7.67 4.54 10.97
N ASP D 95 -7.37 5.66 11.66
CA ASP D 95 -8.28 6.16 12.68
C ASP D 95 -9.65 6.50 12.09
N ASP D 96 -9.69 6.97 10.85
CA ASP D 96 -10.94 7.29 10.17
C ASP D 96 -11.41 6.15 9.28
N PHE D 97 -11.07 4.91 9.62
CA PHE D 97 -11.46 3.76 8.82
C PHE D 97 -12.97 3.68 8.70
N THR D 98 -13.44 3.27 7.52
CA THR D 98 -14.86 3.18 7.22
C THR D 98 -15.13 1.81 6.62
N GLY D 99 -15.59 0.87 7.44
CA GLY D 99 -15.87 -0.46 6.93
C GLY D 99 -16.36 -1.38 8.01
N CYS D 100 -16.15 -2.68 7.80
CA CYS D 100 -16.61 -3.71 8.71
C CYS D 100 -15.53 -4.76 8.95
N VAL D 101 -15.47 -5.24 10.19
CA VAL D 101 -14.55 -6.28 10.62
C VAL D 101 -15.38 -7.50 11.01
N ILE D 102 -15.04 -8.65 10.44
CA ILE D 102 -15.72 -9.90 10.73
C ILE D 102 -14.67 -10.94 11.08
N ALA D 103 -14.95 -11.74 12.10
CA ALA D 103 -13.99 -12.75 12.55
C ALA D 103 -14.74 -13.94 13.12
N TRP D 104 -14.32 -15.13 12.69
CA TRP D 104 -14.97 -16.35 13.16
C TRP D 104 -13.92 -17.40 13.48
N ASN D 105 -14.23 -18.25 14.46
CA ASN D 105 -13.31 -19.28 14.92
C ASN D 105 -13.13 -20.32 13.83
N SER D 106 -11.88 -20.57 13.44
CA SER D 106 -11.52 -21.58 12.46
C SER D 106 -10.66 -22.67 13.08
N ASN D 107 -10.95 -23.02 14.34
CA ASN D 107 -10.16 -24.05 15.01
C ASN D 107 -10.32 -25.41 14.34
N ASN D 108 -11.43 -25.62 13.64
CA ASN D 108 -11.65 -26.90 12.98
C ASN D 108 -10.82 -27.06 11.72
N LEU D 109 -10.43 -25.94 11.09
CA LEU D 109 -9.75 -25.98 9.80
C LEU D 109 -8.26 -25.66 9.91
N ASP D 110 -7.88 -24.68 10.73
CA ASP D 110 -6.50 -24.22 10.81
C ASP D 110 -5.77 -24.77 12.01
N SER D 111 -6.03 -26.03 12.38
CA SER D 111 -5.34 -26.68 13.48
C SER D 111 -4.96 -28.10 13.08
N LYS D 112 -3.81 -28.55 13.55
CA LYS D 112 -3.33 -29.90 13.32
C LYS D 112 -2.98 -30.54 14.65
N VAL D 113 -3.00 -31.88 14.66
CA VAL D 113 -2.69 -32.61 15.88
C VAL D 113 -1.27 -32.31 16.34
N GLY D 114 -0.34 -32.17 15.41
CA GLY D 114 1.02 -31.79 15.71
C GLY D 114 1.26 -30.29 15.75
N GLY D 115 0.21 -29.49 15.64
CA GLY D 115 0.36 -28.04 15.65
C GLY D 115 0.53 -27.47 14.25
N ASN D 116 -0.39 -26.59 13.86
CA ASN D 116 -0.33 -25.96 12.54
C ASN D 116 0.50 -24.69 12.65
N TYR D 117 1.65 -24.68 11.98
CA TYR D 117 2.60 -23.57 12.07
C TYR D 117 2.70 -22.79 10.76
N ASN D 118 1.86 -23.08 9.78
CA ASN D 118 1.95 -22.42 8.48
C ASN D 118 1.55 -20.95 8.54
N TYR D 119 0.75 -20.55 9.52
CA TYR D 119 0.40 -19.14 9.69
C TYR D 119 1.43 -18.48 10.59
N LEU D 120 1.96 -17.35 10.12
CA LEU D 120 3.03 -16.63 10.81
C LEU D 120 2.59 -15.22 11.15
N TYR D 121 3.47 -14.48 11.81
CA TYR D 121 3.23 -13.08 12.14
C TYR D 121 4.55 -12.39 12.44
N ARG D 122 4.61 -11.11 12.12
CA ARG D 122 5.81 -10.32 12.36
C ARG D 122 5.95 -10.05 13.85
N LEU D 123 7.15 -10.27 14.37
CA LEU D 123 7.44 -10.08 15.79
C LEU D 123 8.21 -8.81 16.09
N PHE D 124 9.10 -8.39 15.19
CA PHE D 124 9.90 -7.19 15.37
C PHE D 124 9.82 -6.32 14.11
N ARG D 125 9.95 -5.01 14.32
CA ARG D 125 9.98 -4.06 13.22
C ARG D 125 10.48 -2.73 13.75
N LYS D 126 11.32 -2.06 12.96
CA LYS D 126 11.93 -0.82 13.41
C LYS D 126 10.93 0.32 13.54
N SER D 127 9.76 0.22 12.90
CA SER D 127 8.75 1.25 12.98
C SER D 127 7.37 0.63 12.79
N ASN D 128 6.36 1.34 13.25
CA ASN D 128 4.98 0.87 13.13
C ASN D 128 4.48 1.03 11.70
N LEU D 129 3.65 0.08 11.29
CA LEU D 129 3.10 0.11 9.94
C LEU D 129 2.17 1.31 9.74
N LYS D 130 2.17 1.85 8.52
CA LYS D 130 1.17 2.83 8.14
C LYS D 130 -0.14 2.12 7.78
N PRO D 131 -1.24 2.87 7.72
CA PRO D 131 -2.53 2.22 7.41
C PRO D 131 -2.47 1.45 6.10
N PHE D 132 -3.07 0.26 6.12
CA PHE D 132 -3.16 -0.59 4.92
C PHE D 132 -1.78 -0.84 4.32
N GLU D 133 -0.79 -1.09 5.17
CA GLU D 133 0.56 -1.40 4.74
C GLU D 133 0.82 -2.90 4.83
N ARG D 134 1.54 -3.43 3.85
CA ARG D 134 1.90 -4.85 3.82
C ARG D 134 3.42 -4.95 3.82
N ASP D 135 3.98 -5.41 4.94
CA ASP D 135 5.41 -5.63 5.06
C ASP D 135 5.67 -7.13 5.04
N ILE D 136 6.45 -7.58 4.05
CA ILE D 136 6.77 -8.98 3.86
C ILE D 136 8.27 -9.23 3.78
N SER D 137 9.09 -8.24 4.15
CA SER D 137 10.52 -8.42 4.13
C SER D 137 10.97 -9.33 5.28
N THR D 138 11.95 -10.18 4.99
CA THR D 138 12.50 -11.10 5.96
C THR D 138 13.87 -10.64 6.47
N GLU D 139 14.09 -9.33 6.52
CA GLU D 139 15.36 -8.80 7.00
C GLU D 139 15.57 -9.16 8.46
N ILE D 140 16.82 -9.48 8.81
CA ILE D 140 17.15 -9.81 10.19
C ILE D 140 17.01 -8.56 11.04
N TYR D 141 16.23 -8.65 12.11
CA TYR D 141 16.01 -7.50 12.97
C TYR D 141 17.22 -7.26 13.85
N GLN D 142 17.68 -6.01 13.89
CA GLN D 142 18.80 -5.61 14.73
C GLN D 142 18.25 -5.08 16.04
N ALA D 143 18.40 -5.85 17.11
CA ALA D 143 17.93 -5.45 18.43
C ALA D 143 19.03 -4.85 19.30
N GLY D 144 20.29 -5.05 18.94
CA GLY D 144 21.40 -4.55 19.73
C GLY D 144 22.27 -3.56 18.97
N SER D 145 23.41 -3.19 19.56
CA SER D 145 24.31 -2.25 18.92
C SER D 145 25.06 -2.88 17.76
N THR D 146 25.32 -4.18 17.83
CA THR D 146 26.07 -4.86 16.77
C THR D 146 25.18 -5.01 15.55
N PRO D 147 25.56 -4.46 14.40
CA PRO D 147 24.72 -4.62 13.20
C PRO D 147 24.69 -6.07 12.74
N CYS D 148 23.55 -6.46 12.18
CA CYS D 148 23.37 -7.81 11.65
C CYS D 148 23.49 -7.75 10.12
N ASN D 149 24.50 -8.41 9.58
CA ASN D 149 24.72 -8.44 8.14
C ASN D 149 23.96 -9.57 7.46
N GLY D 150 22.66 -9.67 7.71
CA GLY D 150 21.87 -10.76 7.20
C GLY D 150 21.99 -12.04 7.98
N VAL D 151 22.70 -12.04 9.11
CA VAL D 151 22.94 -13.23 9.91
C VAL D 151 22.22 -13.08 11.24
N GLU D 152 21.80 -14.21 11.80
CA GLU D 152 21.11 -14.26 13.08
C GLU D 152 22.11 -14.56 14.20
N GLY D 153 21.66 -14.32 15.42
CA GLY D 153 22.48 -14.58 16.59
C GLY D 153 22.19 -13.56 17.68
N PHE D 154 23.26 -13.12 18.36
CA PHE D 154 23.14 -12.20 19.48
C PHE D 154 22.45 -10.91 19.05
N ASN D 155 21.26 -10.66 19.57
CA ASN D 155 20.47 -9.47 19.23
C ASN D 155 20.24 -9.37 17.72
N CYS D 156 20.15 -10.52 17.05
CA CYS D 156 19.86 -10.59 15.62
C CYS D 156 18.88 -11.75 15.43
N TYR D 157 17.60 -11.42 15.35
CA TYR D 157 16.53 -12.40 15.36
C TYR D 157 15.75 -12.36 14.05
N PHE D 158 15.24 -13.52 13.66
CA PHE D 158 14.36 -13.58 12.49
C PHE D 158 13.05 -12.86 12.81
N PRO D 159 12.58 -11.94 11.96
CA PRO D 159 11.45 -11.10 12.35
C PRO D 159 10.11 -11.82 12.43
N LEU D 160 9.96 -12.98 11.80
CA LEU D 160 8.69 -13.69 11.75
C LEU D 160 8.67 -14.81 12.78
N GLN D 161 7.55 -14.96 13.47
CA GLN D 161 7.31 -16.05 14.39
C GLN D 161 6.03 -16.79 13.99
N SER D 162 6.03 -18.10 14.20
CA SER D 162 4.94 -18.96 13.78
C SER D 162 3.96 -19.19 14.93
N TYR D 163 2.67 -19.21 14.60
CA TYR D 163 1.65 -19.46 15.61
C TYR D 163 1.63 -20.92 16.01
N GLY D 164 1.22 -21.17 17.25
CA GLY D 164 1.00 -22.52 17.72
C GLY D 164 -0.49 -22.83 17.81
N PHE D 165 -1.03 -23.47 16.77
CA PHE D 165 -2.45 -23.76 16.68
C PHE D 165 -2.66 -25.26 16.86
N GLN D 166 -3.22 -25.65 17.99
CA GLN D 166 -3.55 -27.03 18.29
C GLN D 166 -5.03 -27.13 18.68
N PRO D 167 -5.64 -28.30 18.47
CA PRO D 167 -7.07 -28.44 18.82
C PRO D 167 -7.36 -28.17 20.28
N THR D 168 -6.41 -28.42 21.18
CA THR D 168 -6.63 -28.26 22.61
C THR D 168 -6.21 -26.89 23.13
N ASN D 169 -5.80 -25.98 22.26
CA ASN D 169 -5.41 -24.65 22.70
C ASN D 169 -6.61 -23.92 23.28
N GLY D 170 -6.33 -22.97 24.17
CA GLY D 170 -7.37 -22.14 24.73
C GLY D 170 -8.01 -21.26 23.67
N VAL D 171 -9.27 -20.89 23.94
CA VAL D 171 -10.03 -20.10 22.98
C VAL D 171 -9.30 -18.82 22.63
N GLY D 172 -8.54 -18.27 23.58
CA GLY D 172 -7.77 -17.07 23.28
C GLY D 172 -6.63 -17.32 22.33
N TYR D 173 -6.22 -18.58 22.17
CA TYR D 173 -5.13 -18.95 21.29
C TYR D 173 -5.58 -19.78 20.10
N GLN D 174 -6.90 -20.06 19.98
CA GLN D 174 -7.41 -20.78 18.83
C GLN D 174 -7.36 -19.90 17.58
N PRO D 175 -7.36 -20.48 16.39
CA PRO D 175 -7.27 -19.67 15.18
C PRO D 175 -8.60 -19.03 14.82
N TYR D 176 -8.51 -17.82 14.29
CA TYR D 176 -9.66 -17.03 13.88
C TYR D 176 -9.37 -16.47 12.50
N ARG D 177 -10.33 -16.66 11.59
CA ARG D 177 -10.25 -16.09 10.25
C ARG D 177 -10.93 -14.72 10.26
N VAL D 178 -10.22 -13.72 9.73
CA VAL D 178 -10.64 -12.32 9.77
C VAL D 178 -10.78 -11.80 8.35
N VAL D 179 -11.95 -11.21 8.08
CA VAL D 179 -12.27 -10.54 6.83
C VAL D 179 -12.57 -9.08 7.14
N VAL D 180 -11.88 -8.18 6.47
CA VAL D 180 -12.01 -6.74 6.68
C VAL D 180 -12.48 -6.13 5.36
N LEU D 181 -13.70 -5.58 5.38
CA LEU D 181 -14.22 -4.87 4.22
C LEU D 181 -14.05 -3.38 4.43
N SER D 182 -13.41 -2.71 3.47
CA SER D 182 -13.24 -1.26 3.51
C SER D 182 -13.84 -0.64 2.25
N PHE D 183 -14.68 0.37 2.42
CA PHE D 183 -15.38 1.02 1.33
C PHE D 183 -14.72 2.36 1.04
N GLU D 184 -14.55 2.69 -0.24
CA GLU D 184 -14.06 4.00 -0.62
C GLU D 184 -15.03 4.66 -1.59
N LEU D 185 -15.21 5.97 -1.43
CA LEU D 185 -16.09 6.76 -2.29
C LEU D 185 -15.34 8.00 -2.72
N LEU D 186 -15.07 8.11 -4.02
CA LEU D 186 -14.29 9.19 -4.60
C LEU D 186 -15.11 9.95 -5.63
N HIS D 187 -14.48 10.92 -6.28
CA HIS D 187 -15.13 11.71 -7.33
C HIS D 187 -15.05 10.97 -8.67
N ALA D 188 -15.54 9.73 -8.66
CA ALA D 188 -15.48 8.84 -9.80
C ALA D 188 -16.75 8.01 -9.84
N PRO D 189 -17.04 7.39 -10.98
CA PRO D 189 -18.23 6.53 -11.06
C PRO D 189 -18.16 5.40 -10.04
N ALA D 190 -19.33 5.04 -9.51
CA ALA D 190 -19.44 3.98 -8.51
C ALA D 190 -19.87 2.70 -9.21
N THR D 191 -19.05 1.65 -9.07
CA THR D 191 -19.32 0.37 -9.73
C THR D 191 -19.93 -0.67 -8.80
N VAL D 192 -19.79 -0.49 -7.48
CA VAL D 192 -20.29 -1.45 -6.50
C VAL D 192 -21.51 -0.82 -5.82
N CYS D 193 -22.66 -1.45 -5.99
CA CYS D 193 -23.90 -0.99 -5.41
C CYS D 193 -24.64 -2.15 -4.75
N GLY D 194 -25.51 -1.82 -3.81
CA GLY D 194 -26.30 -2.84 -3.11
C GLY D 194 -27.63 -3.12 -3.78
N GLU E 1 -46.07 13.90 14.35
CA GLU E 1 -47.06 12.98 14.97
C GLU E 1 -46.63 11.52 14.78
N VAL E 2 -45.60 11.10 15.51
CA VAL E 2 -45.09 9.74 15.48
C VAL E 2 -45.28 9.14 16.86
N GLN E 3 -45.95 8.01 16.94
CA GLN E 3 -46.30 7.37 18.20
C GLN E 3 -45.75 5.96 18.28
N LEU E 4 -45.11 5.65 19.42
CA LEU E 4 -44.62 4.33 19.75
C LEU E 4 -45.15 3.96 21.13
N VAL E 5 -45.76 2.77 21.24
CA VAL E 5 -46.37 2.33 22.49
C VAL E 5 -45.77 0.98 22.86
N GLU E 6 -45.14 0.92 24.04
CA GLU E 6 -44.57 -0.35 24.51
C GLU E 6 -45.57 -1.07 25.40
N SER E 7 -45.46 -2.40 25.42
CA SER E 7 -46.33 -3.22 26.24
C SER E 7 -45.67 -4.57 26.46
N GLY E 8 -46.21 -5.32 27.42
CA GLY E 8 -45.71 -6.64 27.75
C GLY E 8 -44.79 -6.70 28.95
N GLY E 9 -44.51 -5.56 29.57
CA GLY E 9 -43.60 -5.54 30.70
C GLY E 9 -44.27 -5.96 31.98
N GLY E 10 -43.48 -6.61 32.84
CA GLY E 10 -43.97 -7.06 34.12
C GLY E 10 -42.83 -7.46 35.02
N VAL E 11 -43.13 -8.32 35.98
CA VAL E 11 -42.14 -8.90 36.87
C VAL E 11 -42.03 -10.39 36.55
N VAL E 12 -40.81 -10.91 36.61
CA VAL E 12 -40.54 -12.27 36.16
C VAL E 12 -39.36 -12.82 36.94
N GLN E 13 -39.38 -14.14 37.15
CA GLN E 13 -38.31 -14.81 37.87
C GLN E 13 -37.05 -14.88 37.01
N PRO E 14 -35.87 -14.96 37.63
CA PRO E 14 -34.65 -15.16 36.85
C PRO E 14 -34.72 -16.45 36.06
N GLY E 15 -34.16 -16.41 34.85
CA GLY E 15 -34.16 -17.56 33.97
C GLY E 15 -35.43 -17.77 33.19
N ARG E 16 -36.49 -17.02 33.48
CA ARG E 16 -37.74 -17.14 32.75
C ARG E 16 -37.66 -16.33 31.45
N SER E 17 -38.80 -16.21 30.78
CA SER E 17 -38.88 -15.53 29.50
C SER E 17 -40.01 -14.50 29.52
N LEU E 18 -39.85 -13.46 28.71
CA LEU E 18 -40.86 -12.41 28.60
C LEU E 18 -40.90 -11.93 27.15
N ARG E 19 -41.97 -11.23 26.81
CA ARG E 19 -42.21 -10.78 25.43
C ARG E 19 -42.67 -9.33 25.45
N LEU E 20 -41.81 -8.43 25.00
CA LEU E 20 -42.16 -7.02 24.84
C LEU E 20 -42.62 -6.76 23.41
N SER E 21 -43.57 -5.83 23.27
CA SER E 21 -44.11 -5.51 21.96
C SER E 21 -44.31 -4.00 21.85
N CYS E 22 -43.85 -3.46 20.73
CA CYS E 22 -43.97 -2.04 20.43
C CYS E 22 -44.90 -1.85 19.25
N ALA E 23 -45.81 -0.89 19.38
CA ALA E 23 -46.78 -0.56 18.34
C ALA E 23 -46.40 0.80 17.79
N ALA E 24 -46.13 0.86 16.49
CA ALA E 24 -45.80 2.10 15.79
C ALA E 24 -47.02 2.64 15.06
N SER E 25 -47.06 3.96 14.91
CA SER E 25 -48.19 4.57 14.22
C SER E 25 -47.74 5.86 13.53
N ALA E 26 -48.44 6.20 12.45
CA ALA E 26 -48.31 7.49 11.79
C ALA E 26 -46.98 7.66 11.08
N PHE E 27 -46.36 6.56 10.66
CA PHE E 27 -45.20 6.62 9.78
C PHE E 27 -44.96 5.24 9.19
N THR E 28 -44.22 5.22 8.07
CA THR E 28 -43.95 3.97 7.39
C THR E 28 -43.03 3.10 8.25
N PHE E 29 -43.62 2.23 9.06
CA PHE E 29 -42.85 1.44 10.01
C PHE E 29 -41.96 0.42 9.32
N SER E 30 -42.38 -0.08 8.15
CA SER E 30 -41.64 -1.12 7.46
C SER E 30 -40.45 -0.59 6.66
N SER E 31 -40.21 0.71 6.67
CA SER E 31 -39.14 1.33 5.91
C SER E 31 -38.11 2.01 6.81
N TYR E 32 -37.95 1.50 8.04
CA TYR E 32 -37.01 2.07 8.98
C TYR E 32 -36.45 0.97 9.88
N ASP E 33 -35.16 1.10 10.22
CA ASP E 33 -34.54 0.21 11.18
C ASP E 33 -35.02 0.59 12.58
N MET E 34 -35.34 -0.42 13.39
CA MET E 34 -35.90 -0.18 14.70
C MET E 34 -34.93 -0.64 15.79
N HIS E 35 -34.97 0.08 16.92
CA HIS E 35 -34.04 -0.11 18.02
C HIS E 35 -34.79 -0.35 19.33
N TRP E 36 -34.17 -1.14 20.21
CA TRP E 36 -34.60 -1.29 21.60
C TRP E 36 -33.51 -0.78 22.51
N VAL E 37 -33.89 0.02 23.51
CA VAL E 37 -32.93 0.58 24.47
C VAL E 37 -33.54 0.49 25.86
N ARG E 38 -32.74 0.02 26.82
CA ARG E 38 -33.20 -0.16 28.19
C ARG E 38 -32.42 0.75 29.12
N GLN E 39 -33.06 1.07 30.26
CA GLN E 39 -32.43 1.93 31.27
C GLN E 39 -32.77 1.34 32.63
N ALA E 40 -31.73 0.93 33.38
CA ALA E 40 -31.96 0.35 34.69
C ALA E 40 -32.37 1.42 35.69
N PRO E 41 -33.09 1.04 36.75
CA PRO E 41 -33.54 2.04 37.74
C PRO E 41 -32.36 2.80 38.32
N GLY E 42 -32.31 4.09 38.04
CA GLY E 42 -31.25 4.96 38.53
C GLY E 42 -30.04 5.02 37.64
N LYS E 43 -29.88 4.10 36.71
CA LYS E 43 -28.73 4.08 35.81
C LYS E 43 -29.08 4.84 34.53
N GLY E 44 -28.17 4.80 33.56
CA GLY E 44 -28.36 5.47 32.29
C GLY E 44 -28.92 4.56 31.23
N LEU E 45 -28.90 5.05 29.99
CA LEU E 45 -29.41 4.31 28.86
C LEU E 45 -28.36 3.31 28.38
N GLU E 46 -28.83 2.20 27.81
CA GLU E 46 -27.93 1.18 27.27
C GLU E 46 -28.57 0.57 26.04
N TRP E 47 -27.84 0.56 24.93
CA TRP E 47 -28.36 0.01 23.69
C TRP E 47 -28.49 -1.51 23.81
N VAL E 48 -29.54 -2.05 23.18
CA VAL E 48 -29.87 -3.46 23.35
C VAL E 48 -29.86 -4.20 22.02
N ALA E 49 -30.75 -3.81 21.10
CA ALA E 49 -30.95 -4.59 19.88
C ALA E 49 -31.39 -3.68 18.74
N VAL E 50 -31.12 -4.15 17.52
CA VAL E 50 -31.53 -3.46 16.29
C VAL E 50 -32.01 -4.49 15.28
N ILE E 51 -33.06 -4.14 14.56
CA ILE E 51 -33.57 -4.96 13.47
C ILE E 51 -33.76 -4.08 12.25
N SER E 52 -33.51 -4.66 11.07
CA SER E 52 -33.60 -3.92 9.82
C SER E 52 -35.05 -3.62 9.48
N TYR E 53 -35.23 -2.74 8.49
CA TYR E 53 -36.58 -2.38 8.05
C TYR E 53 -37.33 -3.57 7.50
N ASP E 54 -36.65 -4.46 6.77
CA ASP E 54 -37.26 -5.64 6.19
C ASP E 54 -37.24 -6.84 7.14
N GLY E 55 -36.63 -6.71 8.31
CA GLY E 55 -36.60 -7.79 9.27
C GLY E 55 -35.68 -8.95 8.89
N SER E 56 -34.67 -8.69 8.06
CA SER E 56 -33.72 -9.73 7.67
C SER E 56 -32.43 -9.70 8.48
N ASN E 57 -32.05 -8.54 9.02
CA ASN E 57 -30.84 -8.40 9.81
C ASN E 57 -31.22 -8.18 11.28
N LYS E 58 -30.47 -8.78 12.18
CA LYS E 58 -30.72 -8.68 13.61
C LYS E 58 -29.38 -8.56 14.33
N TYR E 59 -29.19 -7.47 15.06
CA TYR E 59 -27.94 -7.20 15.74
C TYR E 59 -28.20 -6.92 17.21
N TYR E 60 -27.27 -7.35 18.06
CA TYR E 60 -27.39 -7.21 19.50
C TYR E 60 -26.04 -6.84 20.07
N ALA E 61 -26.05 -6.34 21.31
CA ALA E 61 -24.81 -6.05 22.01
C ALA E 61 -24.33 -7.31 22.74
N ASP E 62 -23.10 -7.23 23.25
CA ASP E 62 -22.49 -8.39 23.88
C ASP E 62 -23.20 -8.81 25.15
N SER E 63 -23.80 -7.87 25.89
CA SER E 63 -24.40 -8.19 27.18
C SER E 63 -25.60 -9.11 27.08
N VAL E 64 -26.28 -9.15 25.93
CA VAL E 64 -27.46 -9.98 25.75
C VAL E 64 -27.36 -10.91 24.55
N LYS E 65 -26.22 -10.96 23.88
CA LYS E 65 -26.12 -11.77 22.66
C LYS E 65 -26.37 -13.24 22.97
N GLY E 66 -27.13 -13.89 22.08
CA GLY E 66 -27.55 -15.26 22.31
C GLY E 66 -28.57 -15.44 23.40
N ARG E 67 -29.13 -14.35 23.93
CA ARG E 67 -30.08 -14.38 25.03
C ARG E 67 -31.38 -13.68 24.68
N PHE E 68 -31.32 -12.55 23.99
CA PHE E 68 -32.50 -11.85 23.49
C PHE E 68 -32.69 -12.12 22.01
N THR E 69 -33.89 -11.81 21.52
CA THR E 69 -34.19 -11.93 20.10
C THR E 69 -35.11 -10.77 19.72
N ILE E 70 -34.87 -10.18 18.56
CA ILE E 70 -35.64 -9.03 18.08
C ILE E 70 -36.24 -9.39 16.73
N SER E 71 -37.55 -9.17 16.60
CA SER E 71 -38.27 -9.44 15.37
C SER E 71 -39.27 -8.32 15.13
N ARG E 72 -39.99 -8.39 14.02
CA ARG E 72 -40.97 -7.37 13.70
C ARG E 72 -42.03 -7.95 12.76
N ASP E 73 -43.22 -7.37 12.83
CA ASP E 73 -44.33 -7.70 11.95
C ASP E 73 -44.72 -6.40 11.24
N ASN E 74 -44.30 -6.26 9.98
CA ASN E 74 -44.63 -5.08 9.21
C ASN E 74 -46.13 -5.00 8.93
N SER E 75 -46.77 -6.14 8.69
CA SER E 75 -48.20 -6.14 8.41
C SER E 75 -48.99 -5.57 9.58
N LYS E 76 -48.59 -5.92 10.80
CA LYS E 76 -49.24 -5.42 12.01
C LYS E 76 -48.58 -4.17 12.55
N ASN E 77 -47.51 -3.68 11.91
CA ASN E 77 -46.81 -2.49 12.36
C ASN E 77 -46.38 -2.61 13.82
N THR E 78 -45.65 -3.69 14.11
CA THR E 78 -45.22 -3.95 15.48
C THR E 78 -43.78 -4.46 15.49
N LEU E 79 -43.13 -4.27 16.64
CA LEU E 79 -41.74 -4.65 16.87
C LEU E 79 -41.68 -5.50 18.13
N TYR E 80 -41.28 -6.76 17.99
CA TYR E 80 -41.27 -7.71 19.09
C TYR E 80 -39.87 -7.91 19.64
N LEU E 81 -39.78 -8.09 20.96
CA LEU E 81 -38.52 -8.34 21.65
C LEU E 81 -38.75 -9.49 22.61
N GLN E 82 -38.25 -10.68 22.26
CA GLN E 82 -38.34 -11.85 23.12
C GLN E 82 -37.12 -11.90 24.01
N MET E 83 -37.33 -11.86 25.33
CA MET E 83 -36.25 -11.88 26.31
C MET E 83 -36.27 -13.25 26.99
N ASN E 84 -35.40 -14.14 26.53
CA ASN E 84 -35.25 -15.45 27.13
C ASN E 84 -34.05 -15.46 28.06
N SER E 85 -34.13 -16.27 29.12
CA SER E 85 -33.07 -16.38 30.11
C SER E 85 -32.75 -15.02 30.70
N LEU E 86 -33.75 -14.44 31.36
CA LEU E 86 -33.61 -13.11 31.95
C LEU E 86 -32.82 -13.19 33.25
N ARG E 87 -31.89 -12.26 33.43
CA ARG E 87 -31.08 -12.16 34.64
C ARG E 87 -31.44 -10.89 35.40
N ALA E 88 -30.86 -10.77 36.59
CA ALA E 88 -31.10 -9.59 37.42
C ALA E 88 -30.60 -8.32 36.73
N GLU E 89 -29.54 -8.43 35.93
CA GLU E 89 -29.03 -7.26 35.22
C GLU E 89 -30.02 -6.72 34.22
N ASP E 90 -31.00 -7.53 33.80
CA ASP E 90 -31.96 -7.13 32.78
C ASP E 90 -33.06 -6.22 33.31
N THR E 91 -33.15 -6.03 34.62
CA THR E 91 -34.19 -5.19 35.20
C THR E 91 -34.03 -3.74 34.76
N ALA E 92 -34.95 -3.25 33.94
CA ALA E 92 -34.86 -1.90 33.40
C ALA E 92 -36.18 -1.54 32.72
N VAL E 93 -36.26 -0.30 32.26
CA VAL E 93 -37.37 0.19 31.45
C VAL E 93 -36.91 0.15 30.00
N TYR E 94 -37.70 -0.52 29.15
CA TYR E 94 -37.35 -0.74 27.76
C TYR E 94 -38.18 0.15 26.85
N TYR E 95 -37.50 0.86 25.94
CA TYR E 95 -38.15 1.70 24.95
C TYR E 95 -37.84 1.17 23.56
N CYS E 96 -38.78 1.39 22.65
CA CYS E 96 -38.58 1.19 21.22
C CYS E 96 -38.38 2.55 20.56
N ALA E 97 -37.48 2.59 19.58
CA ALA E 97 -37.06 3.85 18.98
C ALA E 97 -36.90 3.70 17.48
N LYS E 98 -37.36 4.72 16.75
CA LYS E 98 -37.14 4.80 15.32
C LYS E 98 -35.74 5.34 15.02
N ASP E 99 -35.19 4.92 13.87
CA ASP E 99 -33.83 5.32 13.50
C ASP E 99 -33.82 6.70 12.85
N GLY E 100 -34.49 6.83 11.70
CA GLY E 100 -34.43 8.06 10.93
C GLY E 100 -33.73 7.87 9.59
N GLY E 101 -32.57 7.23 9.62
CA GLY E 101 -31.88 6.90 8.39
C GLY E 101 -31.31 8.08 7.63
N LYS E 102 -31.11 9.22 8.29
CA LYS E 102 -30.56 10.39 7.62
C LYS E 102 -29.04 10.34 7.47
N LEU E 103 -28.36 9.53 8.29
CA LEU E 103 -26.91 9.44 8.27
C LEU E 103 -26.47 8.04 7.90
N TRP E 104 -25.15 7.86 7.77
CA TRP E 104 -24.59 6.54 7.54
C TRP E 104 -24.59 5.68 8.79
N VAL E 105 -24.91 6.25 9.94
CA VAL E 105 -24.85 5.57 11.22
C VAL E 105 -26.23 5.58 11.84
N TYR E 106 -26.33 5.05 13.06
CA TYR E 106 -27.61 4.97 13.76
C TYR E 106 -27.75 6.17 14.71
N TYR E 107 -28.91 6.80 14.65
CA TYR E 107 -29.34 7.76 15.66
C TYR E 107 -30.83 7.52 15.94
N PHE E 108 -31.27 7.92 17.12
CA PHE E 108 -32.61 7.58 17.62
C PHE E 108 -33.51 8.80 17.45
N ASP E 109 -34.52 8.68 16.58
CA ASP E 109 -35.35 9.82 16.20
C ASP E 109 -36.42 10.10 17.23
N TYR E 110 -37.31 9.14 17.48
CA TYR E 110 -38.43 9.32 18.38
C TYR E 110 -38.48 8.18 19.38
N TRP E 111 -38.81 8.51 20.63
CA TRP E 111 -38.85 7.55 21.72
C TRP E 111 -40.29 7.28 22.14
N GLY E 112 -40.59 6.01 22.40
CA GLY E 112 -41.79 5.66 23.12
C GLY E 112 -41.61 5.91 24.61
N GLN E 113 -42.71 5.75 25.36
CA GLN E 113 -42.65 6.00 26.79
C GLN E 113 -42.06 4.84 27.58
N GLY E 114 -41.96 3.66 26.98
CA GLY E 114 -41.27 2.55 27.59
C GLY E 114 -42.17 1.69 28.45
N THR E 115 -41.69 0.48 28.75
CA THR E 115 -42.38 -0.47 29.60
C THR E 115 -41.38 -1.04 30.60
N LEU E 116 -41.83 -1.21 31.85
CA LEU E 116 -40.97 -1.66 32.92
C LEU E 116 -40.83 -3.18 32.91
N VAL E 117 -39.62 -3.67 33.19
CA VAL E 117 -39.34 -5.10 33.28
C VAL E 117 -38.46 -5.30 34.51
N THR E 118 -38.95 -6.06 35.49
CA THR E 118 -38.23 -6.34 36.71
C THR E 118 -38.00 -7.84 36.83
N VAL E 119 -36.81 -8.22 37.30
CA VAL E 119 -36.41 -9.62 37.39
C VAL E 119 -36.29 -9.99 38.86
N SER E 120 -37.32 -10.66 39.37
CA SER E 120 -37.35 -11.22 40.72
C SER E 120 -38.37 -12.35 40.72
N SER E 121 -38.32 -13.17 41.76
CA SER E 121 -38.96 -14.48 41.93
C SER E 121 -39.89 -14.53 43.15
N ALA E 122 -40.67 -13.48 43.38
CA ALA E 122 -41.58 -13.42 44.51
C ALA E 122 -43.01 -13.32 44.02
N SER E 123 -43.93 -13.89 44.81
CA SER E 123 -45.35 -13.80 44.52
C SER E 123 -45.93 -12.51 45.11
N THR E 124 -47.18 -12.23 44.76
CA THR E 124 -47.82 -11.01 45.23
C THR E 124 -48.02 -11.07 46.75
N LYS E 125 -47.54 -10.06 47.46
CA LYS E 125 -47.63 -10.00 48.90
C LYS E 125 -48.19 -8.64 49.32
N GLY E 126 -48.99 -8.65 50.38
CA GLY E 126 -49.57 -7.44 50.90
C GLY E 126 -48.56 -6.67 51.72
N PRO E 127 -48.56 -5.34 51.63
CA PRO E 127 -47.57 -4.56 52.38
C PRO E 127 -47.83 -4.59 53.87
N SER E 128 -46.76 -4.44 54.64
CA SER E 128 -46.83 -4.24 56.08
C SER E 128 -46.55 -2.78 56.38
N VAL E 129 -47.51 -2.10 56.98
CA VAL E 129 -47.41 -0.67 57.27
C VAL E 129 -47.06 -0.51 58.75
N PHE E 130 -46.01 0.26 59.01
CA PHE E 130 -45.55 0.52 60.36
C PHE E 130 -45.47 2.02 60.61
N PRO E 131 -45.70 2.47 61.84
CA PRO E 131 -45.60 3.90 62.13
C PRO E 131 -44.16 4.34 62.36
N LEU E 132 -43.94 5.63 62.15
CA LEU E 132 -42.67 6.29 62.40
C LEU E 132 -43.00 7.49 63.28
N ALA E 133 -42.93 7.27 64.59
CA ALA E 133 -43.37 8.27 65.55
C ALA E 133 -42.31 9.36 65.72
N PRO E 134 -42.72 10.61 65.96
CA PRO E 134 -41.73 11.67 66.19
C PRO E 134 -41.36 11.81 67.66
N SER E 135 -40.48 12.76 67.96
CA SER E 135 -40.10 13.06 69.34
C SER E 135 -39.84 14.55 69.45
N SER E 136 -39.49 15.00 70.66
CA SER E 136 -39.20 16.40 70.89
C SER E 136 -37.74 16.70 70.58
N GLY E 142 -38.55 25.10 65.18
CA GLY E 142 -38.32 23.74 65.63
C GLY E 142 -39.55 22.86 65.46
N THR E 143 -39.73 22.32 64.26
CA THR E 143 -40.87 21.45 63.96
C THR E 143 -40.45 19.99 64.16
N ALA E 144 -41.34 19.07 63.78
CA ALA E 144 -41.09 17.65 63.91
C ALA E 144 -41.53 16.97 62.63
N ALA E 145 -41.21 15.68 62.50
CA ALA E 145 -41.59 14.91 61.33
C ALA E 145 -41.89 13.48 61.75
N LEU E 146 -42.89 12.89 61.08
CA LEU E 146 -43.29 11.51 61.34
C LEU E 146 -43.54 10.84 60.00
N GLY E 147 -43.96 9.58 60.04
CA GLY E 147 -44.24 8.92 58.77
C GLY E 147 -44.76 7.52 58.91
N CYS E 148 -44.77 6.82 57.77
CA CYS E 148 -45.13 5.41 57.69
C CYS E 148 -44.11 4.67 56.83
N LEU E 149 -43.96 3.38 57.13
CA LEU E 149 -43.03 2.48 56.45
C LEU E 149 -43.84 1.34 55.84
N VAL E 150 -43.83 1.26 54.50
CA VAL E 150 -44.56 0.24 53.77
C VAL E 150 -43.53 -0.79 53.33
N LYS E 151 -43.37 -1.86 54.10
CA LYS E 151 -42.28 -2.81 53.92
C LYS E 151 -42.81 -4.18 53.51
N ASP E 152 -41.99 -4.91 52.76
CA ASP E 152 -42.29 -6.29 52.42
C ASP E 152 -43.55 -6.39 51.58
N TYR E 153 -43.52 -5.81 50.38
CA TYR E 153 -44.67 -5.89 49.49
C TYR E 153 -44.17 -6.17 48.08
N PHE E 154 -45.07 -6.67 47.26
CA PHE E 154 -44.73 -6.97 45.88
C PHE E 154 -46.00 -7.27 45.09
N PRO E 155 -46.12 -6.80 43.84
CA PRO E 155 -45.21 -5.93 43.10
C PRO E 155 -45.53 -4.44 43.28
N GLU E 156 -44.89 -3.60 42.47
CA GLU E 156 -45.19 -2.19 42.47
C GLU E 156 -46.52 -1.92 41.75
N PRO E 157 -47.16 -0.77 42.02
CA PRO E 157 -46.84 0.24 43.03
C PRO E 157 -47.78 0.18 44.23
N VAL E 158 -47.57 1.10 45.18
CA VAL E 158 -48.48 1.28 46.31
C VAL E 158 -48.79 2.77 46.44
N THR E 159 -50.06 3.09 46.59
CA THR E 159 -50.50 4.47 46.71
C THR E 159 -50.60 4.85 48.19
N VAL E 160 -49.92 5.92 48.57
CA VAL E 160 -49.85 6.35 49.96
C VAL E 160 -50.37 7.78 50.05
N SER E 161 -51.31 8.01 50.97
CA SER E 161 -51.83 9.33 51.24
C SER E 161 -51.85 9.56 52.74
N TRP E 162 -51.99 10.81 53.16
CA TRP E 162 -52.03 11.18 54.57
C TRP E 162 -53.33 11.89 54.88
N ASN E 163 -54.00 11.46 55.95
CA ASN E 163 -55.29 12.00 56.35
C ASN E 163 -56.28 11.95 55.20
N SER E 164 -56.30 10.81 54.49
CA SER E 164 -57.24 10.57 53.40
C SER E 164 -57.18 11.68 52.35
N GLY E 165 -55.96 12.11 52.03
CA GLY E 165 -55.74 13.15 51.04
C GLY E 165 -55.81 14.56 51.58
N ALA E 166 -56.16 14.74 52.85
CA ALA E 166 -56.27 16.07 53.41
C ALA E 166 -54.90 16.71 53.62
N LEU E 167 -53.92 15.92 54.02
CA LEU E 167 -52.57 16.43 54.29
C LEU E 167 -51.75 16.34 53.02
N THR E 168 -51.46 17.49 52.42
CA THR E 168 -50.74 17.57 51.14
C THR E 168 -49.38 18.23 51.28
N SER E 169 -49.31 19.42 51.86
CA SER E 169 -48.05 20.14 51.98
C SER E 169 -47.16 19.47 53.02
N GLY E 170 -45.86 19.40 52.71
CA GLY E 170 -44.89 18.83 53.62
C GLY E 170 -44.79 17.32 53.61
N VAL E 171 -45.37 16.67 52.60
CA VAL E 171 -45.39 15.21 52.51
C VAL E 171 -44.36 14.78 51.48
N HIS E 172 -43.57 13.75 51.81
CA HIS E 172 -42.56 13.20 50.93
C HIS E 172 -42.71 11.69 50.87
N THR E 173 -43.00 11.17 49.68
CA THR E 173 -43.12 9.73 49.45
C THR E 173 -41.92 9.30 48.61
N PHE E 174 -41.04 8.50 49.20
CA PHE E 174 -39.80 8.13 48.54
C PHE E 174 -40.02 6.97 47.56
N PRO E 175 -39.21 6.88 46.51
CA PRO E 175 -39.29 5.71 45.63
C PRO E 175 -38.96 4.42 46.38
N ALA E 176 -39.59 3.34 45.96
CA ALA E 176 -39.36 2.06 46.59
C ALA E 176 -37.97 1.54 46.26
N VAL E 177 -37.47 0.65 47.12
CA VAL E 177 -36.17 0.02 46.94
C VAL E 177 -36.37 -1.49 47.00
N LEU E 178 -35.81 -2.19 46.01
CA LEU E 178 -35.95 -3.64 45.92
C LEU E 178 -34.91 -4.28 46.84
N GLN E 179 -35.35 -4.68 48.03
CA GLN E 179 -34.47 -5.32 48.99
C GLN E 179 -34.15 -6.74 48.55
N SER E 180 -33.10 -7.31 49.17
CA SER E 180 -32.57 -8.59 48.72
C SER E 180 -33.61 -9.70 48.78
N SER E 181 -34.64 -9.56 49.61
CA SER E 181 -35.67 -10.60 49.70
C SER E 181 -36.52 -10.71 48.44
N GLY E 182 -36.40 -9.76 47.50
CA GLY E 182 -37.23 -9.73 46.32
C GLY E 182 -38.49 -8.91 46.45
N LEU E 183 -38.84 -8.50 47.68
CA LEU E 183 -39.98 -7.63 47.90
C LEU E 183 -39.54 -6.18 47.85
N TYR E 184 -40.46 -5.27 48.20
CA TYR E 184 -40.23 -3.84 48.10
C TYR E 184 -40.40 -3.17 49.47
N SER E 185 -39.58 -2.16 49.71
CA SER E 185 -39.68 -1.33 50.91
C SER E 185 -39.78 0.13 50.50
N LEU E 186 -40.73 0.84 51.08
CA LEU E 186 -41.01 2.22 50.73
C LEU E 186 -41.20 3.03 52.01
N SER E 187 -40.80 4.29 51.97
CA SER E 187 -40.92 5.19 53.11
C SER E 187 -41.72 6.43 52.71
N SER E 188 -42.68 6.81 53.54
CA SER E 188 -43.41 8.06 53.36
C SER E 188 -43.31 8.82 54.67
N VAL E 189 -43.10 10.14 54.59
CA VAL E 189 -42.97 10.97 55.78
C VAL E 189 -43.72 12.28 55.54
N VAL E 190 -43.96 12.98 56.63
CA VAL E 190 -44.57 14.31 56.59
C VAL E 190 -44.04 15.09 57.79
N THR E 191 -43.72 16.36 57.55
CA THR E 191 -43.20 17.24 58.58
C THR E 191 -44.30 18.20 59.01
N VAL E 192 -44.55 18.27 60.30
CA VAL E 192 -45.60 19.12 60.85
C VAL E 192 -45.00 19.93 61.98
N PRO E 193 -45.61 21.07 62.32
CA PRO E 193 -45.11 21.85 63.46
C PRO E 193 -45.13 21.03 64.73
N SER E 194 -44.13 21.26 65.58
CA SER E 194 -44.01 20.51 66.82
C SER E 194 -45.17 20.80 67.78
N SER E 195 -45.94 21.85 67.54
CA SER E 195 -47.04 22.20 68.44
C SER E 195 -48.23 21.25 68.26
N SER E 196 -48.73 21.13 67.02
CA SER E 196 -49.89 20.30 66.73
C SER E 196 -49.43 18.85 66.62
N LEU E 197 -49.25 18.22 67.79
CA LEU E 197 -48.82 16.83 67.86
C LEU E 197 -49.73 15.95 68.72
N GLY E 198 -50.64 16.53 69.49
CA GLY E 198 -51.56 15.76 70.29
C GLY E 198 -53.00 15.97 69.87
N THR E 199 -53.29 17.13 69.28
CA THR E 199 -54.64 17.43 68.83
C THR E 199 -54.88 16.87 67.43
N GLN E 200 -54.01 17.20 66.49
CA GLN E 200 -54.18 16.73 65.12
C GLN E 200 -53.85 15.25 65.03
N THR E 201 -54.76 14.49 64.43
CA THR E 201 -54.58 13.06 64.23
C THR E 201 -54.01 12.81 62.85
N TYR E 202 -52.96 11.98 62.77
CA TYR E 202 -52.29 11.67 61.51
C TYR E 202 -52.42 10.19 61.26
N ILE E 203 -53.08 9.83 60.16
CA ILE E 203 -53.26 8.43 59.76
C ILE E 203 -52.81 8.32 58.31
N CYS E 204 -51.96 7.34 58.03
CA CYS E 204 -51.50 7.11 56.68
C CYS E 204 -52.31 6.00 56.02
N ASN E 205 -52.78 6.28 54.81
CA ASN E 205 -53.63 5.39 54.03
C ASN E 205 -52.77 4.78 52.93
N VAL E 206 -52.59 3.47 52.98
CA VAL E 206 -51.80 2.72 52.00
C VAL E 206 -52.73 1.80 51.24
N ASN E 207 -52.55 1.74 49.92
CA ASN E 207 -53.36 0.87 49.07
C ASN E 207 -52.45 0.16 48.09
N HIS E 208 -52.59 -1.16 48.02
CA HIS E 208 -51.84 -2.03 47.12
C HIS E 208 -52.87 -2.80 46.30
N LYS E 209 -53.25 -2.22 45.16
CA LYS E 209 -54.22 -2.88 44.30
C LYS E 209 -53.76 -4.24 43.80
N PRO E 210 -52.50 -4.42 43.37
CA PRO E 210 -52.07 -5.76 42.94
C PRO E 210 -52.35 -6.84 43.98
N SER E 211 -52.15 -6.54 45.26
CA SER E 211 -52.51 -7.45 46.34
C SER E 211 -53.89 -7.18 46.90
N ASN E 212 -54.56 -6.12 46.46
CA ASN E 212 -55.88 -5.74 46.97
C ASN E 212 -55.84 -5.60 48.49
N THR E 213 -55.01 -4.68 48.96
CA THR E 213 -54.81 -4.47 50.39
C THR E 213 -54.89 -2.98 50.71
N LYS E 214 -55.88 -2.60 51.51
CA LYS E 214 -56.02 -1.23 52.00
C LYS E 214 -55.79 -1.21 53.50
N VAL E 215 -54.91 -0.32 53.95
CA VAL E 215 -54.50 -0.26 55.34
C VAL E 215 -54.44 1.21 55.78
N ASP E 216 -55.08 1.52 56.91
CA ASP E 216 -54.97 2.83 57.53
C ASP E 216 -54.28 2.67 58.87
N LYS E 217 -53.12 3.31 59.02
CA LYS E 217 -52.30 3.17 60.20
C LYS E 217 -52.27 4.49 60.97
N ARG E 218 -52.61 4.42 62.26
CA ARG E 218 -52.46 5.55 63.17
C ARG E 218 -50.98 5.77 63.47
N VAL E 219 -50.60 7.04 63.52
CA VAL E 219 -49.22 7.42 63.83
C VAL E 219 -49.28 8.42 64.98
N GLU E 220 -48.74 8.03 66.13
CA GLU E 220 -48.74 8.85 67.32
C GLU E 220 -47.35 8.84 67.95
N PRO E 221 -47.00 9.89 68.68
CA PRO E 221 -45.62 10.00 69.20
C PRO E 221 -45.31 8.93 70.24
N LYS E 222 -44.02 8.61 70.33
CA LYS E 222 -43.55 7.66 71.32
C LYS E 222 -43.84 8.17 72.73
N SER E 223 -44.20 7.25 73.61
CA SER E 223 -44.59 7.58 74.98
C SER E 223 -43.60 6.96 75.96
N ASP F 1 -14.05 -1.48 24.23
CA ASP F 1 -15.20 -0.72 23.65
C ASP F 1 -14.96 0.79 23.78
N ILE F 2 -15.96 1.58 23.41
CA ILE F 2 -15.86 3.04 23.43
C ILE F 2 -16.63 3.56 24.62
N GLN F 3 -15.96 4.35 25.46
CA GLN F 3 -16.57 4.95 26.63
C GLN F 3 -16.78 6.44 26.40
N MET F 4 -17.95 6.93 26.77
CA MET F 4 -18.34 8.32 26.57
C MET F 4 -18.39 9.01 27.92
N THR F 5 -17.38 9.83 28.21
CA THR F 5 -17.30 10.56 29.46
C THR F 5 -17.97 11.92 29.27
N GLN F 6 -19.05 12.16 30.00
CA GLN F 6 -19.85 13.37 29.86
C GLN F 6 -19.66 14.24 31.10
N SER F 7 -19.23 15.47 30.90
CA SER F 7 -18.93 16.38 31.98
C SER F 7 -19.62 17.72 31.75
N PRO F 8 -19.91 18.46 32.84
CA PRO F 8 -19.76 18.01 34.22
C PRO F 8 -20.85 17.00 34.60
N SER F 9 -20.60 16.17 35.61
CA SER F 9 -21.63 15.19 36.00
C SER F 9 -22.95 15.87 36.30
N SER F 10 -22.91 17.03 36.95
CA SER F 10 -24.11 17.82 37.19
C SER F 10 -23.76 19.28 37.42
N LEU F 11 -24.40 20.18 36.70
CA LEU F 11 -24.12 21.61 36.78
C LEU F 11 -25.36 22.36 37.25
N SER F 12 -25.11 23.51 37.86
CA SER F 12 -26.15 24.39 38.35
C SER F 12 -26.13 25.69 37.54
N ALA F 13 -27.27 26.04 36.95
CA ALA F 13 -27.38 27.28 36.19
C ALA F 13 -28.80 27.82 36.34
N SER F 14 -28.93 29.13 36.16
CA SER F 14 -30.22 29.79 36.22
C SER F 14 -30.75 30.03 34.80
N VAL F 15 -31.98 30.55 34.72
CA VAL F 15 -32.61 30.81 33.44
C VAL F 15 -31.90 31.94 32.72
N GLY F 16 -31.72 31.79 31.41
CA GLY F 16 -31.08 32.80 30.60
C GLY F 16 -29.57 32.66 30.49
N ASP F 17 -28.96 31.77 31.27
CA ASP F 17 -27.52 31.58 31.25
C ASP F 17 -27.12 30.77 30.03
N ARG F 18 -25.92 31.04 29.52
CA ARG F 18 -25.38 30.30 28.38
C ARG F 18 -24.81 28.98 28.90
N VAL F 19 -25.58 27.91 28.73
CA VAL F 19 -25.22 26.61 29.28
C VAL F 19 -24.39 25.85 28.25
N THR F 20 -23.35 25.17 28.71
CA THR F 20 -22.47 24.39 27.85
C THR F 20 -22.16 23.05 28.53
N ILE F 21 -22.24 21.97 27.76
CA ILE F 21 -21.98 20.62 28.26
C ILE F 21 -20.97 19.97 27.35
N THR F 22 -19.93 19.37 27.95
CA THR F 22 -18.84 18.74 27.20
C THR F 22 -19.00 17.23 27.23
N CYS F 23 -18.75 16.60 26.08
CA CYS F 23 -18.75 15.15 25.96
C CYS F 23 -17.46 14.73 25.28
N ARG F 24 -16.72 13.81 25.90
CA ARG F 24 -15.47 13.33 25.37
C ARG F 24 -15.56 11.83 25.14
N ALA F 25 -14.94 11.37 24.06
CA ALA F 25 -14.97 9.98 23.67
C ALA F 25 -13.59 9.36 23.89
N SER F 26 -13.59 8.06 24.20
CA SER F 26 -12.33 7.35 24.40
C SER F 26 -11.48 7.37 23.14
N GLN F 27 -12.10 7.16 21.98
CA GLN F 27 -11.38 7.19 20.72
C GLN F 27 -12.00 8.23 19.77
N SER F 28 -11.57 8.22 18.52
CA SER F 28 -12.02 9.23 17.56
C SER F 28 -13.31 8.81 16.89
N ILE F 29 -14.29 9.71 16.88
CA ILE F 29 -15.50 9.56 16.09
C ILE F 29 -15.62 10.80 15.21
N SER F 30 -15.89 10.58 13.93
CA SER F 30 -15.74 11.67 12.96
C SER F 30 -16.63 12.85 13.32
N SER F 31 -17.94 12.69 13.20
CA SER F 31 -18.88 13.67 13.71
C SER F 31 -20.16 12.99 14.14
N TYR F 32 -20.08 11.70 14.48
CA TYR F 32 -21.26 10.91 14.74
C TYR F 32 -21.58 10.91 16.24
N LEU F 33 -21.74 12.11 16.79
CA LEU F 33 -22.07 12.31 18.19
C LEU F 33 -23.44 12.99 18.25
N ASN F 34 -24.36 12.41 19.01
CA ASN F 34 -25.72 12.90 19.10
C ASN F 34 -26.05 13.29 20.54
N TRP F 35 -26.90 14.29 20.69
CA TRP F 35 -27.27 14.82 21.99
C TRP F 35 -28.77 14.63 22.21
N TYR F 36 -29.12 14.01 23.33
CA TYR F 36 -30.50 13.72 23.71
C TYR F 36 -30.84 14.40 25.03
N GLN F 37 -32.14 14.58 25.25
CA GLN F 37 -32.68 15.15 26.47
C GLN F 37 -33.68 14.18 27.07
N GLN F 38 -33.78 14.17 28.40
CA GLN F 38 -34.76 13.34 29.10
C GLN F 38 -35.19 14.07 30.36
N LYS F 39 -36.50 14.32 30.48
CA LYS F 39 -37.06 14.81 31.72
C LYS F 39 -37.24 13.66 32.71
N PRO F 40 -37.31 13.96 34.00
CA PRO F 40 -37.55 12.90 34.99
C PRO F 40 -38.85 12.16 34.68
N GLY F 41 -38.75 10.84 34.57
CA GLY F 41 -39.90 9.99 34.31
C GLY F 41 -40.28 9.87 32.85
N LYS F 42 -40.14 10.97 32.10
CA LYS F 42 -40.51 10.96 30.69
C LYS F 42 -39.47 10.23 29.86
N ALA F 43 -39.83 9.97 28.61
CA ALA F 43 -38.94 9.32 27.67
C ALA F 43 -37.92 10.31 27.11
N PRO F 44 -36.77 9.81 26.63
CA PRO F 44 -35.79 10.71 26.02
C PRO F 44 -36.33 11.33 24.74
N LYS F 45 -35.75 12.48 24.39
CA LYS F 45 -36.16 13.22 23.20
C LYS F 45 -34.93 13.70 22.44
N LEU F 46 -34.95 13.52 21.13
CA LEU F 46 -33.80 13.86 20.30
C LEU F 46 -33.64 15.37 20.18
N LEU F 47 -32.41 15.85 20.37
CA LEU F 47 -32.08 17.26 20.22
C LEU F 47 -31.12 17.48 19.05
N ILE F 48 -29.95 16.87 19.06
CA ILE F 48 -28.91 17.13 18.04
C ILE F 48 -28.43 15.79 17.50
N TYR F 49 -28.16 15.74 16.19
CA TYR F 49 -27.55 14.59 15.54
C TYR F 49 -26.45 15.06 14.61
N ALA F 50 -25.50 14.17 14.30
CA ALA F 50 -24.37 14.48 13.43
C ALA F 50 -23.59 15.70 13.94
N ALA F 51 -23.65 15.85 15.26
CA ALA F 51 -22.81 16.72 16.08
C ALA F 51 -23.09 18.21 15.99
N SER F 52 -23.79 18.69 14.97
CA SER F 52 -24.26 20.06 14.98
C SER F 52 -25.52 20.20 14.13
N SER F 53 -26.27 19.10 13.98
CA SER F 53 -27.47 19.09 13.17
C SER F 53 -28.69 19.17 14.08
N LEU F 54 -29.40 20.29 14.02
CA LEU F 54 -30.58 20.47 14.84
C LEU F 54 -31.75 19.67 14.26
N GLN F 55 -32.42 18.91 15.12
CA GLN F 55 -33.56 18.12 14.69
C GLN F 55 -34.78 19.01 14.45
N SER F 56 -35.64 18.59 13.53
CA SER F 56 -36.87 19.32 13.28
C SER F 56 -37.72 19.38 14.54
N GLY F 57 -38.23 20.56 14.85
CA GLY F 57 -39.09 20.75 16.00
C GLY F 57 -38.37 21.06 17.30
N VAL F 58 -37.11 21.47 17.24
CA VAL F 58 -36.33 21.81 18.42
C VAL F 58 -36.06 23.31 18.40
N PRO F 59 -36.09 23.98 19.55
CA PRO F 59 -35.76 25.41 19.55
C PRO F 59 -34.36 25.67 19.04
N SER F 60 -34.20 26.82 18.39
CA SER F 60 -32.90 27.18 17.83
C SER F 60 -31.86 27.47 18.89
N ARG F 61 -32.26 27.70 20.14
CA ARG F 61 -31.28 28.02 21.18
C ARG F 61 -30.33 26.87 21.47
N PHE F 62 -30.65 25.65 21.04
CA PHE F 62 -29.74 24.52 21.18
C PHE F 62 -28.82 24.42 19.97
N SER F 63 -27.55 24.18 20.22
CA SER F 63 -26.57 24.08 19.14
C SER F 63 -25.44 23.15 19.54
N GLY F 64 -25.07 22.23 18.64
CA GLY F 64 -23.95 21.34 18.84
C GLY F 64 -22.73 21.77 18.05
N SER F 65 -21.58 21.29 18.50
CA SER F 65 -20.30 21.60 17.87
C SER F 65 -19.28 20.57 18.32
N GLY F 66 -18.11 20.61 17.71
CA GLY F 66 -17.02 19.72 18.07
C GLY F 66 -16.88 18.58 17.08
N SER F 67 -15.64 18.11 16.92
CA SER F 67 -15.33 17.03 16.01
C SER F 67 -14.17 16.23 16.57
N GLY F 68 -14.19 14.92 16.33
CA GLY F 68 -13.14 14.05 16.81
C GLY F 68 -13.50 13.39 18.12
N THR F 69 -13.03 13.94 19.23
CA THR F 69 -13.31 13.40 20.54
C THR F 69 -14.05 14.38 21.44
N ASP F 70 -13.73 15.67 21.37
CA ASP F 70 -14.33 16.68 22.24
C ASP F 70 -15.51 17.31 21.52
N PHE F 71 -16.71 17.13 22.05
CA PHE F 71 -17.94 17.70 21.52
C PHE F 71 -18.60 18.58 22.57
N THR F 72 -19.31 19.60 22.10
CA THR F 72 -19.93 20.58 22.99
C THR F 72 -21.38 20.81 22.58
N LEU F 73 -22.25 20.94 23.59
CA LEU F 73 -23.64 21.30 23.38
C LEU F 73 -23.92 22.59 24.14
N THR F 74 -24.51 23.57 23.45
CA THR F 74 -24.68 24.90 24.00
C THR F 74 -26.14 25.34 23.89
N ILE F 75 -26.66 25.84 25.00
CA ILE F 75 -27.93 26.56 25.04
C ILE F 75 -27.60 28.03 25.21
N SER F 76 -27.92 28.83 24.19
CA SER F 76 -27.57 30.24 24.23
C SER F 76 -28.26 30.94 25.39
N SER F 77 -29.57 30.75 25.54
CA SER F 77 -30.34 31.33 26.62
C SER F 77 -31.22 30.24 27.23
N LEU F 78 -30.94 29.88 28.47
CA LEU F 78 -31.68 28.81 29.13
C LEU F 78 -33.14 29.23 29.33
N GLN F 79 -34.02 28.23 29.33
CA GLN F 79 -35.45 28.44 29.53
C GLN F 79 -35.96 27.48 30.57
N PRO F 80 -37.08 27.80 31.24
CA PRO F 80 -37.56 26.93 32.32
C PRO F 80 -37.85 25.50 31.88
N GLU F 81 -38.32 25.31 30.65
CA GLU F 81 -38.64 23.98 30.15
C GLU F 81 -37.41 23.21 29.68
N ASP F 82 -36.21 23.67 30.02
CA ASP F 82 -34.97 23.02 29.59
C ASP F 82 -34.24 22.33 30.74
N PHE F 83 -34.84 22.28 31.93
CA PHE F 83 -34.19 21.65 33.08
C PHE F 83 -34.46 20.15 33.01
N ALA F 84 -33.45 19.40 32.57
CA ALA F 84 -33.56 17.96 32.40
C ALA F 84 -32.16 17.39 32.35
N THR F 85 -32.08 16.08 32.13
CA THR F 85 -30.80 15.40 32.02
C THR F 85 -30.47 15.20 30.55
N TYR F 86 -29.32 15.70 30.12
CA TYR F 86 -28.88 15.62 28.74
C TYR F 86 -27.80 14.55 28.61
N TYR F 87 -27.98 13.64 27.66
CA TYR F 87 -27.03 12.58 27.38
C TYR F 87 -26.35 12.83 26.04
N CYS F 88 -25.13 12.33 25.92
CA CYS F 88 -24.41 12.28 24.65
C CYS F 88 -24.15 10.84 24.27
N GLN F 89 -24.38 10.53 23.00
CA GLN F 89 -24.35 9.15 22.50
C GLN F 89 -23.54 9.11 21.23
N GLN F 90 -22.51 8.27 21.21
CA GLN F 90 -21.73 8.05 20.00
C GLN F 90 -22.37 6.98 19.14
N SER F 91 -22.07 7.04 17.83
CA SER F 91 -22.58 6.06 16.88
C SER F 91 -21.50 5.44 16.01
N TYR F 92 -20.28 5.99 16.01
CA TYR F 92 -19.25 5.51 15.10
C TYR F 92 -19.10 4.00 15.19
N SER F 93 -19.14 3.45 16.41
CA SER F 93 -19.15 2.01 16.61
C SER F 93 -20.59 1.55 16.41
N THR F 94 -20.95 1.33 15.14
CA THR F 94 -22.35 1.20 14.76
C THR F 94 -23.07 0.14 15.57
N LEU F 95 -22.51 -1.07 15.61
CA LEU F 95 -23.13 -2.17 16.35
C LEU F 95 -22.67 -2.23 17.80
N ALA F 96 -22.03 -1.17 18.29
CA ALA F 96 -21.66 -1.06 19.69
C ALA F 96 -22.04 0.31 20.24
N LEU F 97 -23.30 0.67 20.08
CA LEU F 97 -23.78 1.98 20.51
C LEU F 97 -23.59 2.17 22.01
N THR F 98 -22.95 3.26 22.39
CA THR F 98 -22.66 3.58 23.78
C THR F 98 -23.15 4.98 24.11
N PHE F 99 -23.60 5.17 25.35
CA PHE F 99 -24.10 6.43 25.84
C PHE F 99 -23.18 6.98 26.92
N GLY F 100 -23.26 8.29 27.14
CA GLY F 100 -22.51 8.94 28.19
C GLY F 100 -23.21 8.82 29.53
N GLY F 101 -22.57 9.42 30.54
CA GLY F 101 -23.13 9.38 31.88
C GLY F 101 -24.30 10.33 32.07
N GLY F 102 -24.34 11.41 31.31
CA GLY F 102 -25.40 12.38 31.41
C GLY F 102 -25.00 13.58 32.26
N THR F 103 -25.71 14.68 32.05
CA THR F 103 -25.46 15.92 32.80
C THR F 103 -26.82 16.54 33.14
N LYS F 104 -27.27 16.26 34.37
CA LYS F 104 -28.53 16.82 34.84
C LYS F 104 -28.37 18.31 35.11
N VAL F 105 -29.16 19.13 34.44
CA VAL F 105 -29.15 20.58 34.61
C VAL F 105 -30.22 20.91 35.65
N GLU F 106 -29.79 21.25 36.85
CA GLU F 106 -30.70 21.54 37.95
C GLU F 106 -30.98 23.03 38.03
N ILE F 107 -32.10 23.35 38.67
CA ILE F 107 -32.47 24.73 38.93
C ILE F 107 -31.53 25.23 40.01
N LYS F 108 -30.50 25.96 39.61
CA LYS F 108 -29.50 26.42 40.54
C LYS F 108 -30.17 27.21 41.65
N ARG F 109 -29.97 26.78 42.89
CA ARG F 109 -30.55 27.46 44.03
C ARG F 109 -29.49 27.56 45.11
N THR F 110 -29.83 28.26 46.18
CA THR F 110 -28.93 28.37 47.31
C THR F 110 -28.82 27.05 48.05
N VAL F 111 -27.69 26.86 48.73
CA VAL F 111 -27.42 25.62 49.44
C VAL F 111 -28.39 25.49 50.60
N ALA F 112 -29.09 24.37 50.67
CA ALA F 112 -30.08 24.10 51.70
C ALA F 112 -29.56 23.05 52.67
N ALA F 113 -29.65 23.34 53.96
CA ALA F 113 -29.19 22.41 54.98
C ALA F 113 -30.24 21.33 55.19
N PRO F 114 -29.88 20.05 55.09
CA PRO F 114 -30.87 18.99 55.31
C PRO F 114 -31.35 18.95 56.74
N SER F 115 -32.60 18.51 56.92
CA SER F 115 -33.14 18.20 58.24
C SER F 115 -33.04 16.69 58.43
N VAL F 116 -32.37 16.27 59.50
CA VAL F 116 -32.08 14.86 59.74
C VAL F 116 -32.99 14.33 60.85
N PHE F 117 -33.71 13.25 60.56
CA PHE F 117 -34.56 12.59 61.54
C PHE F 117 -34.30 11.10 61.51
N ILE F 118 -34.12 10.50 62.69
CA ILE F 118 -33.87 9.07 62.82
C ILE F 118 -35.06 8.43 63.50
N PHE F 119 -35.62 7.40 62.86
CA PHE F 119 -36.78 6.67 63.35
C PHE F 119 -36.39 5.25 63.68
N PRO F 120 -36.61 4.81 64.92
CA PRO F 120 -36.30 3.43 65.29
C PRO F 120 -37.33 2.47 64.74
N PRO F 121 -37.03 1.16 64.75
CA PRO F 121 -38.03 0.20 64.27
C PRO F 121 -39.26 0.18 65.16
N SER F 122 -40.42 0.01 64.54
CA SER F 122 -41.67 -0.03 65.29
C SER F 122 -41.80 -1.35 66.03
N ASP F 123 -42.53 -1.29 67.15
CA ASP F 123 -42.76 -2.51 67.94
C ASP F 123 -43.55 -3.53 67.14
N GLU F 124 -44.51 -3.08 66.33
CA GLU F 124 -45.28 -4.01 65.50
C GLU F 124 -44.36 -4.74 64.52
N GLN F 125 -43.38 -4.03 63.95
CA GLN F 125 -42.41 -4.69 63.07
C GLN F 125 -41.53 -5.65 63.86
N LEU F 126 -41.08 -5.24 65.05
CA LEU F 126 -40.28 -6.12 65.88
C LEU F 126 -41.01 -7.40 66.23
N LYS F 127 -42.34 -7.36 66.31
CA LYS F 127 -43.10 -8.59 66.50
C LYS F 127 -42.94 -9.55 65.31
N SER F 128 -42.90 -9.02 64.09
CA SER F 128 -42.75 -9.89 62.93
C SER F 128 -41.40 -10.58 62.91
N GLY F 129 -40.34 -9.86 63.25
CA GLY F 129 -39.01 -10.44 63.29
C GLY F 129 -37.95 -9.53 62.68
N THR F 130 -38.35 -8.69 61.73
CA THR F 130 -37.42 -7.77 61.10
C THR F 130 -37.37 -6.44 61.86
N ALA F 131 -36.33 -5.68 61.60
CA ALA F 131 -36.14 -4.36 62.19
C ALA F 131 -35.59 -3.42 61.14
N SER F 132 -36.20 -2.23 61.06
CA SER F 132 -35.80 -1.20 60.11
C SER F 132 -35.55 0.09 60.86
N VAL F 133 -34.39 0.69 60.63
CA VAL F 133 -34.04 2.00 61.16
C VAL F 133 -34.03 2.98 59.98
N VAL F 134 -34.82 4.05 60.08
CA VAL F 134 -35.04 4.95 58.95
C VAL F 134 -34.37 6.28 59.24
N CYS F 135 -33.45 6.68 58.37
CA CYS F 135 -32.80 7.99 58.47
C CYS F 135 -33.28 8.85 57.32
N LEU F 136 -33.87 10.01 57.65
CA LEU F 136 -34.50 10.90 56.70
C LEU F 136 -33.71 12.19 56.63
N LEU F 137 -33.23 12.53 55.44
CA LEU F 137 -32.64 13.83 55.15
C LEU F 137 -33.65 14.59 54.29
N ASN F 138 -34.05 15.77 54.74
CA ASN F 138 -35.17 16.49 54.15
C ASN F 138 -34.72 17.85 53.63
N ASN F 139 -35.17 18.19 52.42
CA ASN F 139 -35.07 19.55 51.90
C ASN F 139 -33.64 20.06 51.95
N PHE F 140 -32.78 19.46 51.14
CA PHE F 140 -31.40 19.88 50.98
C PHE F 140 -31.07 20.07 49.50
N TYR F 141 -29.89 20.61 49.25
CA TYR F 141 -29.45 20.85 47.88
C TYR F 141 -27.94 21.11 47.87
N PRO F 142 -27.17 20.48 46.98
CA PRO F 142 -27.58 19.50 45.96
C PRO F 142 -27.88 18.12 46.52
N ARG F 143 -28.16 17.15 45.65
CA ARG F 143 -28.44 15.79 46.10
C ARG F 143 -27.21 15.10 46.65
N GLU F 144 -26.02 15.64 46.43
CA GLU F 144 -24.79 15.02 46.91
C GLU F 144 -24.72 15.09 48.44
N ALA F 145 -25.18 14.04 49.12
CA ALA F 145 -25.17 13.98 50.57
C ALA F 145 -24.82 12.58 51.02
N LYS F 146 -23.79 12.46 51.86
CA LYS F 146 -23.34 11.17 52.35
C LYS F 146 -24.09 10.81 53.62
N VAL F 147 -24.67 9.61 53.64
CA VAL F 147 -25.34 9.05 54.80
C VAL F 147 -24.54 7.85 55.26
N GLN F 148 -24.07 7.88 56.51
CA GLN F 148 -23.26 6.81 57.07
C GLN F 148 -23.99 6.25 58.29
N TRP F 149 -24.08 4.93 58.37
CA TRP F 149 -24.69 4.25 59.51
C TRP F 149 -23.61 3.81 60.47
N LYS F 150 -23.80 4.11 61.76
CA LYS F 150 -22.89 3.68 62.82
C LYS F 150 -23.68 2.89 63.85
N VAL F 151 -23.16 1.72 64.21
CA VAL F 151 -23.75 0.87 65.25
C VAL F 151 -22.66 0.61 66.27
N ASP F 152 -22.84 1.11 67.49
CA ASP F 152 -21.82 1.03 68.54
C ASP F 152 -20.49 1.61 68.06
N ASN F 153 -20.57 2.73 67.35
CA ASN F 153 -19.41 3.41 66.79
C ASN F 153 -18.71 2.57 65.73
N ALA F 154 -19.39 1.59 65.16
CA ALA F 154 -18.85 0.74 64.11
C ALA F 154 -19.53 1.11 62.79
N LEU F 155 -18.72 1.42 61.77
CA LEU F 155 -19.27 1.80 60.49
C LEU F 155 -19.98 0.62 59.84
N GLN F 156 -21.12 0.89 59.20
CA GLN F 156 -21.94 -0.13 58.57
C GLN F 156 -22.05 0.16 57.08
N SER F 157 -21.81 -0.86 56.27
CA SER F 157 -21.91 -0.74 54.82
C SER F 157 -22.52 -2.02 54.27
N GLY F 158 -23.46 -1.88 53.34
CA GLY F 158 -24.14 -3.01 52.74
C GLY F 158 -25.40 -3.45 53.46
N ASN F 159 -25.67 -2.90 54.65
CA ASN F 159 -26.86 -3.29 55.40
C ASN F 159 -28.10 -2.51 55.00
N SER F 160 -27.93 -1.33 54.40
CA SER F 160 -29.03 -0.42 54.10
C SER F 160 -29.09 -0.13 52.61
N GLN F 161 -30.08 0.67 52.23
CA GLN F 161 -30.25 1.12 50.86
C GLN F 161 -31.03 2.43 50.88
N GLU F 162 -30.66 3.35 50.01
CA GLU F 162 -31.22 4.69 50.01
C GLU F 162 -32.27 4.85 48.92
N SER F 163 -33.01 5.96 49.01
CA SER F 163 -34.03 6.31 48.03
C SER F 163 -34.18 7.82 48.04
N VAL F 164 -34.10 8.44 46.87
CA VAL F 164 -34.08 9.90 46.74
C VAL F 164 -35.23 10.34 45.85
N THR F 165 -35.85 11.45 46.21
CA THR F 165 -36.90 12.04 45.39
C THR F 165 -36.31 13.01 44.38
N GLU F 166 -37.03 13.19 43.28
CA GLU F 166 -36.63 14.17 42.28
C GLU F 166 -36.58 15.57 42.90
N GLN F 167 -36.00 16.51 42.15
CA GLN F 167 -35.93 17.88 42.63
C GLN F 167 -37.33 18.43 42.79
N ASP F 168 -37.59 19.05 43.94
CA ASP F 168 -38.94 19.45 44.30
C ASP F 168 -39.45 20.57 43.40
N SER F 169 -40.75 20.54 43.11
CA SER F 169 -41.36 21.56 42.28
C SER F 169 -41.55 22.89 43.01
N LYS F 170 -41.52 22.89 44.34
CA LYS F 170 -41.76 24.10 45.12
C LYS F 170 -40.47 24.82 45.47
N ASP F 171 -39.53 24.14 46.13
CA ASP F 171 -38.28 24.76 46.57
C ASP F 171 -37.06 24.14 45.92
N SER F 172 -37.24 23.18 45.01
CA SER F 172 -36.13 22.58 44.27
C SER F 172 -35.11 21.95 45.21
N THR F 173 -35.60 21.21 46.19
CA THR F 173 -34.75 20.53 47.17
C THR F 173 -35.02 19.03 47.12
N TYR F 174 -34.04 18.25 47.57
CA TYR F 174 -34.11 16.80 47.52
C TYR F 174 -34.35 16.22 48.93
N SER F 175 -34.71 14.95 48.95
CA SER F 175 -34.89 14.22 50.19
C SER F 175 -34.37 12.80 49.99
N LEU F 176 -33.88 12.21 51.08
CA LEU F 176 -33.29 10.88 51.06
C LEU F 176 -33.78 10.09 52.26
N SER F 177 -34.04 8.80 52.04
CA SER F 177 -34.52 7.90 53.09
C SER F 177 -33.64 6.65 53.08
N SER F 178 -32.71 6.57 54.03
CA SER F 178 -31.86 5.40 54.18
C SER F 178 -32.53 4.42 55.13
N THR F 179 -32.70 3.17 54.67
CA THR F 179 -33.41 2.14 55.41
C THR F 179 -32.40 1.06 55.81
N LEU F 180 -32.01 1.06 57.09
CA LEU F 180 -31.12 0.05 57.63
C LEU F 180 -31.96 -1.14 58.07
N THR F 181 -31.86 -2.25 57.34
CA THR F 181 -32.68 -3.42 57.56
C THR F 181 -31.85 -4.53 58.18
N LEU F 182 -32.37 -5.17 59.22
CA LEU F 182 -31.67 -6.29 59.85
C LEU F 182 -32.68 -7.14 60.60
N SER F 183 -32.19 -8.23 61.19
CA SER F 183 -33.04 -9.15 61.92
C SER F 183 -33.19 -8.68 63.37
N LYS F 184 -34.03 -9.38 64.12
CA LYS F 184 -34.20 -9.04 65.53
C LYS F 184 -32.97 -9.39 66.34
N ALA F 185 -32.36 -10.55 66.07
CA ALA F 185 -31.18 -10.94 66.84
C ALA F 185 -30.05 -9.93 66.66
N ASP F 186 -29.84 -9.47 65.43
CA ASP F 186 -28.82 -8.46 65.18
C ASP F 186 -29.19 -7.10 65.74
N TYR F 187 -30.46 -6.90 66.12
CA TYR F 187 -30.89 -5.62 66.67
C TYR F 187 -30.62 -5.51 68.16
N GLU F 188 -30.86 -6.57 68.93
CA GLU F 188 -30.56 -6.52 70.35
C GLU F 188 -29.08 -6.70 70.65
N LYS F 189 -28.31 -7.24 69.70
CA LYS F 189 -26.88 -7.41 69.92
C LYS F 189 -26.16 -6.07 70.08
N HIS F 190 -26.77 -4.98 69.62
CA HIS F 190 -26.19 -3.65 69.66
C HIS F 190 -27.14 -2.68 70.35
N LYS F 191 -26.57 -1.58 70.84
CA LYS F 191 -27.31 -0.58 71.59
C LYS F 191 -27.42 0.73 70.83
N VAL F 192 -26.31 1.28 70.36
CA VAL F 192 -26.29 2.61 69.74
C VAL F 192 -26.55 2.48 68.25
N TYR F 193 -27.49 3.27 67.75
CA TYR F 193 -27.78 3.35 66.32
C TYR F 193 -27.76 4.83 65.93
N ALA F 194 -26.78 5.22 65.11
CA ALA F 194 -26.60 6.60 64.70
C ALA F 194 -26.71 6.72 63.19
N CYS F 195 -26.85 7.96 62.73
CA CYS F 195 -26.89 8.27 61.30
C CYS F 195 -26.09 9.56 61.08
N GLU F 196 -24.82 9.39 60.72
CA GLU F 196 -23.98 10.53 60.38
C GLU F 196 -24.34 11.05 59.00
N VAL F 197 -24.42 12.36 58.87
CA VAL F 197 -24.83 13.00 57.62
C VAL F 197 -23.78 14.05 57.28
N THR F 198 -23.29 13.99 56.04
CA THR F 198 -22.35 14.98 55.53
C THR F 198 -22.94 15.61 54.27
N HIS F 199 -23.03 16.93 54.27
CA HIS F 199 -23.60 17.66 53.14
C HIS F 199 -22.80 18.93 52.92
N GLN F 200 -22.84 19.42 51.67
CA GLN F 200 -22.09 20.63 51.33
C GLN F 200 -22.51 21.82 52.18
N GLY F 201 -23.77 21.85 52.60
CA GLY F 201 -24.30 22.94 53.40
C GLY F 201 -24.07 22.81 54.88
N LEU F 202 -23.30 21.82 55.33
CA LEU F 202 -23.02 21.61 56.74
C LEU F 202 -21.58 22.00 57.03
N SER F 203 -21.40 22.92 57.98
CA SER F 203 -20.07 23.29 58.42
C SER F 203 -19.33 22.12 59.05
N SER F 204 -20.05 21.14 59.58
CA SER F 204 -19.45 19.96 60.17
C SER F 204 -20.46 18.82 60.11
N PRO F 205 -20.01 17.56 60.10
CA PRO F 205 -20.96 16.45 60.02
C PRO F 205 -21.93 16.45 61.20
N VAL F 206 -23.17 16.07 60.92
CA VAL F 206 -24.24 16.03 61.90
C VAL F 206 -24.64 14.59 62.13
N THR F 207 -24.84 14.23 63.40
CA THR F 207 -25.18 12.86 63.78
C THR F 207 -26.47 12.87 64.60
N LYS F 208 -27.40 11.98 64.24
CA LYS F 208 -28.64 11.76 64.98
C LYS F 208 -28.65 10.30 65.42
N SER F 209 -28.63 10.06 66.73
CA SER F 209 -28.49 8.73 67.28
C SER F 209 -29.50 8.50 68.39
N PHE F 210 -29.68 7.23 68.75
CA PHE F 210 -30.58 6.84 69.82
C PHE F 210 -30.12 5.50 70.38
N ASN F 211 -30.32 5.31 71.67
CA ASN F 211 -30.02 4.04 72.31
C ASN F 211 -31.25 3.14 72.28
N ARG F 212 -31.03 1.85 72.02
CA ARG F 212 -32.14 0.91 71.87
C ARG F 212 -32.94 0.81 73.16
N GLY F 213 -34.27 0.95 73.04
CA GLY F 213 -35.17 0.74 74.16
C GLY F 213 -34.97 1.70 75.32
N GLU F 214 -34.82 2.98 75.02
CA GLU F 214 -34.69 3.99 76.07
C GLU F 214 -35.63 5.18 75.88
#